data_2V96
#
_entry.id   2V96
#
_cell.length_a   91.420
_cell.length_b   103.640
_cell.length_c   147.310
_cell.angle_alpha   90.00
_cell.angle_beta   90.00
_cell.angle_gamma   90.00
#
_symmetry.space_group_name_H-M   'P 21 21 21'
#
loop_
_entity.id
_entity.type
_entity.pdbx_description
1 polymer ACETYLCHOLINESTERASE
2 non-polymer 1-(2-nitrophenyl)-2,2,2-trifluoroethyl]-arsenocholine
3 non-polymer 2-acetamido-2-deoxy-beta-D-glucopyranose
4 water water
#
_entity_poly.entity_id   1
_entity_poly.type   'polypeptide(L)'
_entity_poly.pdbx_seq_one_letter_code
;DDHSELLVNTKSGKVMGTRVPVLSSHISAFLGIPFAEPPVGNMRFRRPEPKKPWSGVWNASTYPNNCQQYVDEQFPGFSG
SEMWNPNREMSEDCLYLNIWVPSPRPKSTTVMVWIYGGGFYSGSSTLDVYNGKYLAYTEEVVLVSLSYRVGAFGFLALHG
SQEAPGNVGLLDQRMALQWVHDNIQFFGGDPKTVTIFGESAGGASVGMHILSPGSRDLFRRAILQSGSPNCPWASVSVAE
GRRRAVELGRNLNCNLNSDEELIHCLREKKPQELIDVEWNVLPFDSIFRFSFVPVIDGEFFPTSLESMLNSGNFKKTQIL
LGVNKDEGSFFLLYGAPGFSKDSESKISREDFMSGVKLSVPHANDLGLDAVTLQYTDWMDDNNGIKNRDGLDDIVGDHNV
ICPLMHFVNKYTKFGNGTYLYFFNHRASNLVWPEWMGVIHGYEIEFVFGLPLVKELNYTAEEEALSRRIMHYWATFAKTG
NPNEPHSQESKWPLFTTKEQKFIDLNTEPMKVHQRLRVQMCVFWNQFLPKLLNATAC
;
_entity_poly.pdbx_strand_id   A,B
#
loop_
_chem_comp.id
_chem_comp.type
_chem_comp.name
_chem_comp.formula
CFQ non-polymer 1-(2-nitrophenyl)-2,2,2-trifluoroethyl]-arsenocholine 'C13 H19 As F3 N O3 2'
NAG D-saccharide, beta linking 2-acetamido-2-deoxy-beta-D-glucopyranose 'C8 H15 N O6'
#
# COMPACT_ATOMS: atom_id res chain seq x y z
N SER A 4 30.19 -42.26 -39.42
CA SER A 4 29.77 -42.88 -38.14
C SER A 4 28.61 -42.10 -37.52
N GLU A 5 28.39 -42.35 -36.24
CA GLU A 5 27.34 -41.71 -35.46
C GLU A 5 27.82 -40.31 -35.05
N LEU A 6 29.13 -40.11 -35.10
CA LEU A 6 29.77 -38.86 -34.76
C LEU A 6 30.11 -38.06 -36.02
N LEU A 7 29.63 -38.54 -37.16
CA LEU A 7 29.87 -37.86 -38.42
C LEU A 7 28.52 -37.63 -39.08
N VAL A 8 28.12 -36.37 -39.14
CA VAL A 8 26.84 -36.01 -39.72
C VAL A 8 26.96 -35.07 -40.90
N ASN A 9 26.11 -35.28 -41.90
CA ASN A 9 26.12 -34.42 -43.08
C ASN A 9 25.06 -33.33 -42.90
N THR A 10 25.46 -32.11 -42.59
CA THR A 10 24.49 -31.04 -42.46
C THR A 10 24.37 -30.42 -43.84
N LYS A 11 23.47 -29.46 -43.99
CA LYS A 11 23.26 -28.81 -45.26
C LYS A 11 24.43 -27.94 -45.74
N SER A 12 25.20 -27.40 -44.82
CA SER A 12 26.31 -26.53 -45.20
C SER A 12 27.66 -27.22 -45.15
N GLY A 13 27.69 -28.45 -44.67
CA GLY A 13 28.95 -29.17 -44.58
C GLY A 13 28.98 -30.30 -43.56
N LYS A 14 30.02 -31.12 -43.63
CA LYS A 14 30.13 -32.22 -42.70
C LYS A 14 30.56 -31.69 -41.35
N VAL A 15 30.33 -32.51 -40.33
CA VAL A 15 30.66 -32.15 -38.97
C VAL A 15 30.92 -33.47 -38.23
N MET A 16 31.81 -33.45 -37.25
CA MET A 16 32.12 -34.64 -36.48
C MET A 16 32.19 -34.27 -35.02
N GLY A 17 31.44 -35.00 -34.22
CA GLY A 17 31.44 -34.72 -32.81
C GLY A 17 32.39 -35.64 -32.09
N THR A 18 32.04 -35.94 -30.85
CA THR A 18 32.85 -36.81 -30.03
C THR A 18 32.01 -37.61 -29.04
N ARG A 19 32.53 -38.74 -28.60
CA ARG A 19 31.78 -39.57 -27.65
C ARG A 19 32.17 -39.14 -26.24
N VAL A 20 31.20 -38.60 -25.50
CA VAL A 20 31.49 -38.15 -24.15
C VAL A 20 30.81 -39.03 -23.14
N PRO A 21 31.53 -39.36 -22.05
CA PRO A 21 30.94 -40.20 -21.02
C PRO A 21 29.90 -39.43 -20.22
N VAL A 22 28.84 -40.12 -19.82
CA VAL A 22 27.78 -39.55 -19.01
C VAL A 22 27.26 -40.60 -18.06
N LEU A 23 27.37 -40.32 -16.77
CA LEU A 23 26.88 -41.22 -15.72
C LEU A 23 27.08 -42.71 -16.04
N SER A 24 28.30 -43.11 -16.35
CA SER A 24 28.59 -44.52 -16.67
C SER A 24 27.87 -45.03 -17.91
N SER A 25 27.78 -44.16 -18.91
CA SER A 25 27.17 -44.48 -20.21
C SER A 25 27.71 -43.38 -21.08
N HIS A 26 27.46 -43.44 -22.38
CA HIS A 26 27.97 -42.40 -23.29
C HIS A 26 26.85 -41.78 -24.10
N ILE A 27 27.14 -40.63 -24.69
CA ILE A 27 26.22 -39.93 -25.57
C ILE A 27 27.10 -39.19 -26.54
N SER A 28 26.50 -38.67 -27.63
CA SER A 28 27.28 -37.97 -28.64
C SER A 28 27.24 -36.47 -28.43
N ALA A 29 28.37 -35.80 -28.65
CA ALA A 29 28.44 -34.36 -28.46
C ALA A 29 29.04 -33.69 -29.68
N PHE A 30 28.32 -32.73 -30.22
CA PHE A 30 28.80 -31.97 -31.36
C PHE A 30 28.95 -30.57 -30.79
N LEU A 31 30.19 -30.09 -30.68
CA LEU A 31 30.42 -28.79 -30.07
C LEU A 31 31.02 -27.74 -30.98
N GLY A 32 30.60 -26.50 -30.75
CA GLY A 32 31.10 -25.38 -31.53
C GLY A 32 30.74 -25.42 -33.00
N ILE A 33 29.48 -25.75 -33.30
CA ILE A 33 29.01 -25.79 -34.68
C ILE A 33 28.67 -24.37 -35.14
N PRO A 34 29.41 -23.84 -36.12
CA PRO A 34 29.12 -22.47 -36.58
C PRO A 34 27.74 -22.42 -37.22
N PHE A 35 26.97 -21.37 -36.94
CA PHE A 35 25.65 -21.24 -37.57
C PHE A 35 25.48 -19.86 -38.26
N ALA A 36 26.54 -19.06 -38.25
CA ALA A 36 26.52 -17.74 -38.86
C ALA A 36 27.94 -17.39 -39.27
N GLU A 37 28.11 -16.34 -40.05
CA GLU A 37 29.44 -15.90 -40.44
C GLU A 37 30.01 -15.15 -39.24
N PRO A 38 31.32 -15.31 -38.96
CA PRO A 38 31.88 -14.57 -37.82
C PRO A 38 31.49 -13.09 -37.97
N PRO A 39 30.71 -12.52 -37.03
CA PRO A 39 30.34 -11.12 -37.16
C PRO A 39 31.49 -10.21 -36.75
N VAL A 40 32.58 -10.20 -37.52
CA VAL A 40 33.73 -9.38 -37.17
C VAL A 40 33.97 -8.23 -38.17
N GLY A 41 34.95 -7.37 -37.84
CA GLY A 41 35.29 -6.25 -38.70
C GLY A 41 34.13 -5.38 -39.14
N ASN A 42 33.88 -5.36 -40.44
CA ASN A 42 32.78 -4.60 -41.02
C ASN A 42 31.44 -5.09 -40.47
N MET A 43 31.38 -6.40 -40.21
N MET A 43 31.39 -6.39 -40.20
CA MET A 43 30.16 -7.03 -39.72
CA MET A 43 30.18 -7.03 -39.71
C MET A 43 29.84 -6.77 -38.24
C MET A 43 29.84 -6.78 -38.23
N ARG A 44 30.58 -5.90 -37.56
CA ARG A 44 30.29 -5.61 -36.16
C ARG A 44 29.00 -4.77 -36.11
N PHE A 45 28.07 -5.16 -35.24
CA PHE A 45 26.76 -4.49 -35.06
C PHE A 45 25.75 -4.83 -36.16
N ARG A 46 26.21 -5.46 -37.25
CA ARG A 46 25.34 -5.83 -38.38
C ARG A 46 24.54 -7.07 -38.07
N ARG A 47 23.44 -7.25 -38.80
CA ARG A 47 22.60 -8.42 -38.64
C ARG A 47 23.49 -9.58 -39.00
N PRO A 48 23.21 -10.78 -38.46
CA PRO A 48 24.05 -11.92 -38.80
C PRO A 48 23.82 -12.37 -40.23
N GLU A 49 24.83 -13.03 -40.79
CA GLU A 49 24.78 -13.55 -42.15
C GLU A 49 24.96 -15.05 -42.04
N PRO A 50 24.15 -15.84 -42.76
CA PRO A 50 24.32 -17.29 -42.65
C PRO A 50 25.75 -17.80 -42.89
N LYS A 51 26.08 -18.93 -42.24
CA LYS A 51 27.39 -19.53 -42.34
C LYS A 51 27.61 -20.08 -43.75
N LYS A 52 28.63 -19.58 -44.43
CA LYS A 52 28.95 -20.06 -45.77
C LYS A 52 29.38 -21.52 -45.68
N PRO A 53 28.88 -22.35 -46.59
CA PRO A 53 29.18 -23.78 -46.62
C PRO A 53 30.68 -23.97 -46.61
N TRP A 54 31.11 -25.15 -46.17
CA TRP A 54 32.52 -25.47 -46.13
C TRP A 54 32.79 -26.87 -46.67
N SER A 55 34.04 -27.16 -47.00
CA SER A 55 34.39 -28.48 -47.49
C SER A 55 35.14 -29.17 -46.36
N GLY A 56 35.17 -30.50 -46.41
CA GLY A 56 35.86 -31.26 -45.38
C GLY A 56 34.98 -31.32 -44.15
N VAL A 57 35.43 -32.00 -43.11
CA VAL A 57 34.64 -32.11 -41.90
C VAL A 57 35.00 -30.98 -40.92
N TRP A 58 33.99 -30.49 -40.19
CA TRP A 58 34.23 -29.45 -39.23
C TRP A 58 34.46 -30.12 -37.89
N ASN A 59 35.61 -29.83 -37.28
CA ASN A 59 35.93 -30.41 -35.98
C ASN A 59 34.99 -29.87 -34.91
N ALA A 60 34.08 -30.70 -34.43
CA ALA A 60 33.15 -30.25 -33.40
C ALA A 60 33.34 -31.08 -32.14
N SER A 61 34.60 -31.21 -31.71
CA SER A 61 34.90 -31.99 -30.52
C SER A 61 35.11 -31.10 -29.30
N THR A 62 35.26 -29.81 -29.52
CA THR A 62 35.48 -28.94 -28.40
C THR A 62 34.68 -27.66 -28.46
N TYR A 63 34.38 -27.13 -27.27
CA TYR A 63 33.64 -25.90 -27.07
C TYR A 63 34.25 -24.71 -27.78
N PRO A 64 33.40 -23.78 -28.23
CA PRO A 64 33.85 -22.58 -28.94
C PRO A 64 34.18 -21.40 -28.00
N ASN A 65 34.67 -20.32 -28.63
CA ASN A 65 35.00 -19.10 -27.92
C ASN A 65 33.68 -18.53 -27.40
N ASN A 66 33.78 -17.66 -26.40
CA ASN A 66 32.60 -17.04 -25.82
C ASN A 66 32.55 -15.63 -26.39
N CYS A 67 31.38 -15.00 -26.39
CA CYS A 67 31.28 -13.66 -26.93
C CYS A 67 31.89 -12.63 -25.98
N GLN A 68 32.36 -11.52 -26.55
CA GLN A 68 32.97 -10.45 -25.78
C GLN A 68 31.94 -9.94 -24.79
N GLN A 69 32.33 -9.85 -23.53
CA GLN A 69 31.40 -9.42 -22.49
C GLN A 69 32.11 -8.91 -21.26
N TYR A 70 31.38 -8.13 -20.47
CA TYR A 70 31.91 -7.59 -19.22
C TYR A 70 32.16 -8.76 -18.28
N VAL A 71 33.40 -8.95 -17.88
CA VAL A 71 33.75 -10.04 -16.98
C VAL A 71 33.56 -9.59 -15.52
N ASP A 72 32.87 -10.41 -14.72
CA ASP A 72 32.66 -10.05 -13.31
C ASP A 72 33.88 -10.36 -12.45
N GLU A 73 34.43 -9.33 -11.80
CA GLU A 73 35.59 -9.50 -10.93
C GLU A 73 35.32 -9.14 -9.45
N GLN A 74 34.05 -9.09 -9.09
CA GLN A 74 33.67 -8.77 -7.72
C GLN A 74 34.28 -9.71 -6.70
N PHE A 75 34.37 -11.00 -7.04
CA PHE A 75 34.93 -11.99 -6.11
C PHE A 75 35.92 -12.90 -6.81
N PRO A 76 37.11 -12.38 -7.10
CA PRO A 76 38.16 -13.16 -7.78
C PRO A 76 38.33 -14.54 -7.18
N GLY A 77 38.03 -15.57 -7.96
CA GLY A 77 38.20 -16.92 -7.45
C GLY A 77 37.04 -17.54 -6.71
N PHE A 78 35.97 -16.77 -6.49
CA PHE A 78 34.81 -17.32 -5.80
C PHE A 78 33.96 -18.04 -6.85
N SER A 79 33.76 -19.33 -6.66
CA SER A 79 33.00 -20.13 -7.59
C SER A 79 31.58 -19.63 -7.85
N GLY A 80 30.94 -19.08 -6.81
CA GLY A 80 29.59 -18.59 -6.94
C GLY A 80 29.36 -17.63 -8.09
N SER A 81 30.30 -16.72 -8.33
CA SER A 81 30.16 -15.75 -9.42
C SER A 81 31.07 -16.11 -10.57
N GLU A 82 32.17 -16.80 -10.27
CA GLU A 82 33.13 -17.19 -11.29
C GLU A 82 32.53 -18.20 -12.26
N MET A 83 31.62 -19.05 -11.78
CA MET A 83 31.02 -20.08 -12.62
C MET A 83 30.19 -19.49 -13.78
N TRP A 84 29.84 -18.21 -13.66
CA TRP A 84 29.05 -17.56 -14.72
C TRP A 84 29.93 -16.81 -15.72
N ASN A 85 31.15 -16.46 -15.33
CA ASN A 85 32.05 -15.74 -16.24
C ASN A 85 32.40 -16.61 -17.42
N PRO A 86 32.88 -15.99 -18.51
CA PRO A 86 33.28 -16.75 -19.70
C PRO A 86 34.32 -17.77 -19.25
N ASN A 87 34.15 -19.04 -19.63
CA ASN A 87 35.12 -20.09 -19.26
C ASN A 87 35.93 -20.52 -20.51
N ARG A 88 35.77 -19.74 -21.56
N ARG A 88 35.75 -19.77 -21.59
CA ARG A 88 36.46 -19.98 -22.80
CA ARG A 88 36.46 -20.03 -22.81
C ARG A 88 37.00 -18.63 -23.23
C ARG A 88 36.99 -18.67 -23.23
N GLU A 89 37.95 -18.64 -24.15
N GLU A 89 37.95 -18.66 -24.15
CA GLU A 89 38.53 -17.40 -24.65
CA GLU A 89 38.49 -17.38 -24.58
C GLU A 89 37.48 -16.57 -25.40
C GLU A 89 37.44 -16.59 -25.34
N MET A 90 37.35 -15.30 -25.03
CA MET A 90 36.40 -14.42 -25.67
C MET A 90 36.83 -14.07 -27.08
N SER A 91 35.84 -13.81 -27.93
CA SER A 91 36.11 -13.43 -29.31
C SER A 91 34.81 -13.03 -30.01
N GLU A 92 34.87 -11.99 -30.86
CA GLU A 92 33.70 -11.55 -31.61
C GLU A 92 33.24 -12.65 -32.57
N ASP A 93 34.08 -13.66 -32.73
CA ASP A 93 33.79 -14.81 -33.57
C ASP A 93 33.29 -15.81 -32.55
N CYS A 94 32.02 -15.69 -32.20
CA CYS A 94 31.45 -16.51 -31.16
C CYS A 94 30.07 -17.11 -31.43
N LEU A 95 29.64 -17.06 -32.70
CA LEU A 95 28.33 -17.57 -33.08
C LEU A 95 28.36 -19.06 -33.41
N TYR A 96 28.36 -19.87 -32.36
CA TYR A 96 28.40 -21.31 -32.52
C TYR A 96 27.36 -21.96 -31.66
N LEU A 97 27.01 -23.20 -31.97
CA LEU A 97 26.03 -23.89 -31.16
C LEU A 97 26.55 -25.27 -30.78
N ASN A 98 25.98 -25.87 -29.74
CA ASN A 98 26.41 -27.18 -29.29
C ASN A 98 25.22 -28.09 -29.31
N ILE A 99 25.48 -29.37 -29.50
CA ILE A 99 24.41 -30.37 -29.54
C ILE A 99 24.83 -31.61 -28.75
N TRP A 100 23.85 -32.22 -28.10
CA TRP A 100 24.07 -33.45 -27.35
C TRP A 100 23.03 -34.37 -27.91
N VAL A 101 23.48 -35.49 -28.46
CA VAL A 101 22.60 -36.48 -29.08
C VAL A 101 22.71 -37.80 -28.35
N PRO A 102 21.59 -38.31 -27.79
CA PRO A 102 21.63 -39.58 -27.07
C PRO A 102 22.16 -40.69 -27.99
N SER A 103 22.80 -41.69 -27.41
CA SER A 103 23.35 -42.80 -28.18
C SER A 103 22.75 -44.12 -27.72
N PRO A 104 22.31 -44.96 -28.67
CA PRO A 104 22.35 -44.77 -30.12
C PRO A 104 21.45 -43.60 -30.52
N ARG A 105 21.71 -43.06 -31.71
CA ARG A 105 20.96 -41.91 -32.21
C ARG A 105 19.48 -42.15 -32.36
N PRO A 106 18.66 -41.26 -31.80
CA PRO A 106 17.20 -41.40 -31.90
C PRO A 106 16.80 -41.11 -33.35
N LYS A 107 15.57 -41.45 -33.72
CA LYS A 107 15.12 -41.26 -35.08
C LYS A 107 14.59 -39.85 -35.44
N SER A 108 13.74 -39.31 -34.59
CA SER A 108 13.16 -37.99 -34.84
C SER A 108 12.54 -37.59 -33.50
N THR A 109 13.42 -37.39 -32.52
CA THR A 109 12.98 -37.08 -31.17
C THR A 109 12.88 -35.59 -30.79
N THR A 110 12.29 -35.34 -29.62
CA THR A 110 12.09 -34.01 -29.06
C THR A 110 13.42 -33.24 -28.99
N VAL A 111 13.37 -31.95 -29.32
CA VAL A 111 14.54 -31.10 -29.30
C VAL A 111 14.33 -29.90 -28.35
N MET A 112 15.35 -29.60 -27.55
CA MET A 112 15.26 -28.47 -26.63
C MET A 112 16.43 -27.56 -26.97
N VAL A 113 16.16 -26.26 -27.03
CA VAL A 113 17.20 -25.32 -27.37
C VAL A 113 17.32 -24.28 -26.27
N TRP A 114 18.46 -24.31 -25.58
CA TRP A 114 18.77 -23.42 -24.47
C TRP A 114 19.33 -22.08 -24.90
N ILE A 115 18.85 -21.01 -24.26
CA ILE A 115 19.32 -19.67 -24.56
C ILE A 115 19.81 -19.05 -23.25
N TYR A 116 21.13 -19.06 -23.02
CA TYR A 116 21.68 -18.50 -21.79
C TYR A 116 21.19 -17.08 -21.53
N GLY A 117 21.16 -16.71 -20.26
CA GLY A 117 20.74 -15.38 -19.87
C GLY A 117 21.71 -14.68 -18.95
N GLY A 118 21.93 -13.40 -19.22
CA GLY A 118 22.83 -12.60 -18.40
C GLY A 118 22.62 -11.16 -18.77
N GLY A 119 21.41 -10.66 -18.54
CA GLY A 119 21.05 -9.28 -18.84
C GLY A 119 21.40 -8.75 -20.23
N PHE A 120 21.55 -9.64 -21.21
CA PHE A 120 21.92 -9.24 -22.58
C PHE A 120 23.31 -8.57 -22.62
N TYR A 121 24.02 -8.51 -21.50
CA TYR A 121 25.34 -7.90 -21.54
C TYR A 121 26.36 -8.97 -21.32
N SER A 122 25.91 -10.21 -21.08
CA SER A 122 26.83 -11.32 -20.84
C SER A 122 26.15 -12.70 -20.95
N GLY A 123 26.94 -13.75 -20.76
CA GLY A 123 26.44 -15.11 -20.84
C GLY A 123 27.28 -15.95 -21.79
N SER A 124 27.30 -17.27 -21.57
CA SER A 124 28.05 -18.21 -22.42
C SER A 124 27.31 -19.56 -22.52
N SER A 125 27.54 -20.27 -23.61
CA SER A 125 26.87 -21.56 -23.82
C SER A 125 27.73 -22.69 -23.31
N THR A 126 28.91 -22.35 -22.81
CA THR A 126 29.87 -23.33 -22.36
C THR A 126 30.04 -23.51 -20.85
N LEU A 127 29.27 -22.78 -20.06
CA LEU A 127 29.41 -22.89 -18.62
C LEU A 127 29.23 -24.35 -18.22
N ASP A 128 29.69 -24.74 -17.03
CA ASP A 128 29.54 -26.13 -16.59
C ASP A 128 28.09 -26.46 -16.30
N VAL A 129 27.32 -25.47 -15.83
CA VAL A 129 25.91 -25.72 -15.54
C VAL A 129 25.05 -25.84 -16.77
N TYR A 130 25.66 -25.70 -17.95
CA TYR A 130 24.91 -25.81 -19.18
C TYR A 130 25.33 -27.05 -19.95
N ASN A 131 26.16 -27.88 -19.33
CA ASN A 131 26.61 -29.12 -19.94
C ASN A 131 25.34 -29.90 -20.21
N GLY A 132 24.97 -30.04 -21.49
CA GLY A 132 23.73 -30.72 -21.82
C GLY A 132 23.72 -32.24 -21.86
N LYS A 133 24.88 -32.88 -21.68
CA LYS A 133 24.97 -34.34 -21.72
C LYS A 133 24.14 -35.10 -20.67
N TYR A 134 23.80 -34.49 -19.54
CA TYR A 134 23.01 -35.21 -18.55
C TYR A 134 21.52 -35.29 -18.90
N LEU A 135 20.97 -34.15 -19.30
CA LEU A 135 19.57 -34.03 -19.65
C LEU A 135 19.27 -34.78 -20.94
N ALA A 136 20.16 -34.66 -21.90
CA ALA A 136 19.95 -35.33 -23.18
C ALA A 136 19.81 -36.84 -22.92
N TYR A 137 20.73 -37.36 -22.08
CA TYR A 137 20.79 -38.77 -21.70
C TYR A 137 19.65 -39.23 -20.78
N THR A 138 19.40 -38.49 -19.71
CA THR A 138 18.36 -38.86 -18.77
C THR A 138 16.94 -38.87 -19.36
N GLU A 139 16.68 -37.95 -20.29
CA GLU A 139 15.36 -37.85 -20.88
C GLU A 139 15.31 -38.18 -22.36
N GLU A 140 16.40 -38.74 -22.88
CA GLU A 140 16.48 -39.12 -24.29
C GLU A 140 16.06 -38.02 -25.29
N VAL A 141 16.55 -36.81 -25.08
CA VAL A 141 16.21 -35.72 -26.00
C VAL A 141 17.46 -35.10 -26.62
N VAL A 142 17.29 -34.47 -27.78
CA VAL A 142 18.42 -33.80 -28.43
C VAL A 142 18.48 -32.41 -27.79
N LEU A 143 19.58 -32.13 -27.08
CA LEU A 143 19.72 -30.84 -26.40
C LEU A 143 20.66 -29.94 -27.15
N VAL A 144 20.19 -28.73 -27.47
CA VAL A 144 21.00 -27.76 -28.21
C VAL A 144 21.15 -26.43 -27.45
N SER A 145 22.39 -26.01 -27.22
CA SER A 145 22.58 -24.72 -26.57
C SER A 145 23.10 -23.76 -27.65
N LEU A 146 22.46 -22.61 -27.81
CA LEU A 146 22.93 -21.67 -28.81
C LEU A 146 23.76 -20.58 -28.16
N SER A 147 24.07 -19.54 -28.93
CA SER A 147 24.83 -18.42 -28.41
C SER A 147 24.38 -17.19 -29.19
N TYR A 148 24.66 -16.01 -28.67
CA TYR A 148 24.28 -14.77 -29.35
C TYR A 148 25.13 -13.61 -28.85
N ARG A 149 25.22 -12.55 -29.65
CA ARG A 149 26.00 -11.39 -29.23
C ARG A 149 25.32 -10.67 -28.06
N VAL A 150 26.14 -10.20 -27.13
CA VAL A 150 25.66 -9.48 -25.97
C VAL A 150 26.31 -8.11 -25.91
N GLY A 151 25.90 -7.29 -24.95
CA GLY A 151 26.46 -5.95 -24.84
C GLY A 151 26.31 -5.21 -26.16
N ALA A 152 27.05 -4.11 -26.32
CA ALA A 152 27.02 -3.30 -27.55
C ALA A 152 27.06 -4.14 -28.84
N PHE A 153 27.90 -5.17 -28.84
CA PHE A 153 28.10 -6.08 -29.98
C PHE A 153 26.82 -6.72 -30.47
N GLY A 154 25.87 -6.92 -29.56
CA GLY A 154 24.63 -7.55 -29.96
C GLY A 154 23.42 -6.66 -29.94
N PHE A 155 23.53 -5.52 -29.27
CA PHE A 155 22.37 -4.64 -29.17
C PHE A 155 22.54 -3.14 -29.36
N LEU A 156 23.72 -2.69 -29.78
CA LEU A 156 23.91 -1.27 -30.08
C LEU A 156 22.72 -0.96 -31.02
N ALA A 157 21.98 0.11 -30.74
CA ALA A 157 20.81 0.41 -31.57
C ALA A 157 20.65 1.82 -32.16
N LEU A 158 20.98 1.99 -33.44
CA LEU A 158 20.80 3.27 -34.10
C LEU A 158 19.72 3.01 -35.14
N HIS A 159 18.47 2.95 -34.68
CA HIS A 159 17.35 2.65 -35.56
C HIS A 159 17.33 3.53 -36.79
N GLY A 160 17.08 2.93 -37.95
CA GLY A 160 17.07 3.69 -39.18
C GLY A 160 18.34 3.37 -39.94
N SER A 161 19.45 3.29 -39.22
CA SER A 161 20.71 2.96 -39.87
C SER A 161 20.62 1.50 -40.27
N GLN A 162 21.53 1.03 -41.09
CA GLN A 162 21.48 -0.37 -41.44
C GLN A 162 22.76 -1.09 -41.01
N GLU A 163 23.76 -0.33 -40.60
CA GLU A 163 25.02 -0.89 -40.14
C GLU A 163 24.97 -1.24 -38.63
N ALA A 164 23.99 -0.68 -37.94
CA ALA A 164 23.77 -0.92 -36.51
C ALA A 164 22.28 -0.70 -36.23
N PRO A 165 21.42 -1.60 -36.72
CA PRO A 165 19.96 -1.53 -36.57
C PRO A 165 19.42 -1.86 -35.19
N GLY A 166 20.14 -2.71 -34.46
CA GLY A 166 19.67 -3.10 -33.14
C GLY A 166 19.08 -4.48 -33.20
N ASN A 167 18.95 -5.12 -32.05
CA ASN A 167 18.39 -6.47 -31.96
C ASN A 167 19.18 -7.53 -32.74
N VAL A 168 20.42 -7.23 -33.17
CA VAL A 168 21.17 -8.26 -33.90
C VAL A 168 21.40 -9.50 -33.03
N GLY A 169 21.55 -9.28 -31.72
CA GLY A 169 21.73 -10.40 -30.82
C GLY A 169 20.56 -11.36 -30.90
N LEU A 170 19.36 -10.86 -31.11
CA LEU A 170 18.19 -11.70 -31.21
C LEU A 170 18.21 -12.38 -32.56
N LEU A 171 18.59 -11.64 -33.61
CA LEU A 171 18.68 -12.22 -34.94
C LEU A 171 19.69 -13.36 -34.87
N ASP A 172 20.74 -13.21 -34.05
CA ASP A 172 21.71 -14.29 -33.89
C ASP A 172 20.95 -15.50 -33.39
N GLN A 173 20.12 -15.28 -32.38
CA GLN A 173 19.31 -16.35 -31.81
C GLN A 173 18.38 -16.99 -32.85
N ARG A 174 17.69 -16.14 -33.61
CA ARG A 174 16.78 -16.62 -34.64
C ARG A 174 17.54 -17.43 -35.68
N MET A 175 18.77 -17.03 -35.97
CA MET A 175 19.54 -17.75 -36.95
C MET A 175 19.98 -19.08 -36.39
N ALA A 176 20.12 -19.16 -35.08
CA ALA A 176 20.48 -20.41 -34.44
C ALA A 176 19.30 -21.37 -34.62
N LEU A 177 18.09 -20.87 -34.37
CA LEU A 177 16.86 -21.65 -34.49
C LEU A 177 16.59 -22.10 -35.95
N GLN A 178 16.89 -21.21 -36.90
CA GLN A 178 16.76 -21.50 -38.33
C GLN A 178 17.75 -22.62 -38.69
N TRP A 179 18.92 -22.58 -38.08
CA TRP A 179 19.90 -23.61 -38.33
C TRP A 179 19.33 -24.92 -37.79
N VAL A 180 18.82 -24.89 -36.57
CA VAL A 180 18.23 -26.07 -35.98
C VAL A 180 17.10 -26.57 -36.89
N HIS A 181 16.25 -25.65 -37.32
CA HIS A 181 15.13 -25.98 -38.18
C HIS A 181 15.61 -26.70 -39.43
N ASP A 182 16.72 -26.23 -39.99
CA ASP A 182 17.23 -26.85 -41.20
C ASP A 182 18.05 -28.06 -41.01
N ASN A 183 18.66 -28.22 -39.84
CA ASN A 183 19.56 -29.34 -39.64
C ASN A 183 19.30 -30.33 -38.52
N ILE A 184 18.54 -29.94 -37.51
CA ILE A 184 18.36 -30.84 -36.41
C ILE A 184 17.84 -32.23 -36.79
N GLN A 185 17.27 -32.39 -37.98
CA GLN A 185 16.76 -33.71 -38.43
C GLN A 185 17.92 -34.65 -38.79
N PHE A 186 19.09 -34.09 -39.09
CA PHE A 186 20.27 -34.85 -39.44
C PHE A 186 20.97 -35.42 -38.23
N PHE A 187 20.53 -34.97 -37.05
CA PHE A 187 21.09 -35.44 -35.80
C PHE A 187 20.10 -36.33 -35.09
N GLY A 188 18.94 -36.51 -35.71
CA GLY A 188 17.89 -37.33 -35.13
C GLY A 188 16.83 -36.58 -34.34
N GLY A 189 16.67 -35.28 -34.61
CA GLY A 189 15.65 -34.53 -33.90
C GLY A 189 14.52 -34.05 -34.79
N ASP A 190 13.32 -33.96 -34.24
CA ASP A 190 12.17 -33.50 -35.01
C ASP A 190 12.09 -31.97 -35.03
N PRO A 191 12.44 -31.34 -36.16
CA PRO A 191 12.37 -29.87 -36.19
C PRO A 191 10.98 -29.35 -35.92
N LYS A 192 9.99 -30.24 -35.99
CA LYS A 192 8.60 -29.82 -35.76
C LYS A 192 8.20 -29.84 -34.30
N THR A 193 9.08 -30.34 -33.44
CA THR A 193 8.81 -30.40 -32.02
C THR A 193 10.02 -29.86 -31.24
N VAL A 194 10.37 -28.61 -31.51
N VAL A 194 10.39 -28.61 -31.51
CA VAL A 194 11.50 -27.96 -30.85
CA VAL A 194 11.51 -28.01 -30.82
C VAL A 194 11.00 -27.05 -29.73
C VAL A 194 10.98 -27.09 -29.72
N THR A 195 11.65 -27.13 -28.57
CA THR A 195 11.28 -26.29 -27.43
C THR A 195 12.44 -25.32 -27.16
N ILE A 196 12.12 -24.04 -27.01
CA ILE A 196 13.15 -23.07 -26.72
C ILE A 196 12.97 -22.74 -25.25
N PHE A 197 14.04 -22.80 -24.46
CA PHE A 197 13.90 -22.45 -23.05
C PHE A 197 15.13 -21.71 -22.62
N GLY A 198 14.96 -20.82 -21.64
CA GLY A 198 16.09 -20.05 -21.17
C GLY A 198 15.73 -19.39 -19.86
N GLU A 199 16.74 -18.94 -19.15
CA GLU A 199 16.55 -18.32 -17.87
C GLU A 199 16.94 -16.85 -17.89
N SER A 200 16.26 -16.04 -17.10
CA SER A 200 16.60 -14.63 -17.01
C SER A 200 16.51 -13.94 -18.36
N ALA A 201 17.59 -13.31 -18.82
CA ALA A 201 17.59 -12.64 -20.12
C ALA A 201 17.29 -13.67 -21.21
N GLY A 202 17.60 -14.93 -20.93
CA GLY A 202 17.32 -15.98 -21.88
C GLY A 202 15.82 -16.20 -21.89
N GLY A 203 15.20 -16.13 -20.70
CA GLY A 203 13.76 -16.30 -20.61
C GLY A 203 13.04 -15.20 -21.35
N ALA A 204 13.51 -13.96 -21.19
CA ALA A 204 12.91 -12.84 -21.92
C ALA A 204 13.03 -13.11 -23.41
N SER A 205 14.17 -13.62 -23.87
CA SER A 205 14.38 -13.93 -25.29
C SER A 205 13.35 -14.95 -25.78
N VAL A 206 13.12 -16.00 -24.98
CA VAL A 206 12.15 -17.01 -25.36
C VAL A 206 10.86 -16.26 -25.67
N GLY A 207 10.39 -15.50 -24.69
CA GLY A 207 9.17 -14.73 -24.85
C GLY A 207 9.20 -13.79 -26.06
N MET A 208 10.37 -13.23 -26.41
CA MET A 208 10.45 -12.33 -27.56
C MET A 208 10.27 -13.09 -28.86
N HIS A 209 10.76 -14.32 -28.91
CA HIS A 209 10.60 -15.14 -30.11
C HIS A 209 9.16 -15.62 -30.24
N ILE A 210 8.40 -15.55 -29.13
CA ILE A 210 6.99 -15.93 -29.15
C ILE A 210 6.26 -14.73 -29.73
N LEU A 211 6.73 -13.55 -29.38
CA LEU A 211 6.12 -12.31 -29.87
C LEU A 211 6.49 -11.95 -31.31
N SER A 212 7.76 -12.07 -31.63
CA SER A 212 8.22 -11.74 -32.97
C SER A 212 7.67 -12.64 -34.10
N PRO A 213 6.97 -12.03 -35.06
CA PRO A 213 6.41 -12.80 -36.17
C PRO A 213 7.48 -13.60 -36.91
N GLY A 214 8.67 -13.03 -37.06
CA GLY A 214 9.74 -13.70 -37.76
C GLY A 214 10.36 -14.86 -37.02
N SER A 215 9.94 -15.10 -35.77
CA SER A 215 10.51 -16.18 -34.99
C SER A 215 9.52 -17.26 -34.70
N ARG A 216 8.25 -16.90 -34.67
CA ARG A 216 7.16 -17.84 -34.36
C ARG A 216 7.18 -19.25 -34.95
N ASP A 217 7.44 -19.35 -36.27
CA ASP A 217 7.41 -20.64 -36.96
C ASP A 217 8.63 -21.53 -36.78
N LEU A 218 9.69 -21.02 -36.16
CA LEU A 218 10.89 -21.81 -35.97
C LEU A 218 10.87 -22.72 -34.72
N PHE A 219 9.83 -22.61 -33.89
CA PHE A 219 9.75 -23.48 -32.71
C PHE A 219 8.33 -23.93 -32.41
N ARG A 220 8.18 -24.87 -31.48
CA ARG A 220 6.89 -25.46 -31.11
C ARG A 220 6.28 -24.96 -29.81
N ARG A 221 7.06 -25.05 -28.74
CA ARG A 221 6.65 -24.63 -27.41
C ARG A 221 7.74 -23.79 -26.80
N ALA A 222 7.55 -23.42 -25.54
CA ALA A 222 8.53 -22.55 -24.88
C ALA A 222 8.54 -22.75 -23.38
N ILE A 223 9.68 -22.49 -22.77
CA ILE A 223 9.80 -22.57 -21.31
C ILE A 223 10.53 -21.29 -20.85
N LEU A 224 9.97 -20.58 -19.90
CA LEU A 224 10.62 -19.35 -19.44
C LEU A 224 10.97 -19.49 -17.96
N GLN A 225 12.25 -19.34 -17.64
CA GLN A 225 12.71 -19.47 -16.26
C GLN A 225 13.21 -18.13 -15.71
N SER A 226 12.43 -17.53 -14.82
CA SER A 226 12.77 -16.25 -14.18
C SER A 226 12.98 -15.06 -15.12
N GLY A 227 12.14 -14.96 -16.15
CA GLY A 227 12.25 -13.86 -17.10
C GLY A 227 11.11 -13.90 -18.10
N SER A 228 10.61 -12.73 -18.51
CA SER A 228 9.54 -12.65 -19.49
C SER A 228 9.92 -11.45 -20.37
N PRO A 229 9.43 -11.38 -21.62
CA PRO A 229 9.78 -10.27 -22.52
C PRO A 229 9.45 -8.85 -22.08
N ASN A 230 8.53 -8.70 -21.15
CA ASN A 230 8.16 -7.36 -20.70
C ASN A 230 8.94 -6.87 -19.48
N CYS A 231 9.91 -7.63 -18.99
CA CYS A 231 10.68 -7.18 -17.83
C CYS A 231 11.21 -5.79 -18.08
N PRO A 232 11.27 -4.95 -17.03
CA PRO A 232 11.75 -3.57 -17.18
C PRO A 232 13.18 -3.41 -17.69
N TRP A 233 14.01 -4.39 -17.41
CA TRP A 233 15.40 -4.36 -17.83
C TRP A 233 15.57 -5.03 -19.17
N ALA A 234 14.48 -5.59 -19.71
CA ALA A 234 14.55 -6.35 -20.95
C ALA A 234 14.55 -5.59 -22.26
N SER A 235 13.99 -4.37 -22.29
CA SER A 235 13.96 -3.58 -23.52
C SER A 235 13.95 -2.07 -23.31
N VAL A 236 14.14 -1.33 -24.40
CA VAL A 236 14.15 0.12 -24.39
C VAL A 236 13.53 0.59 -25.70
N SER A 237 13.07 1.83 -25.76
CA SER A 237 12.47 2.39 -26.98
C SER A 237 13.57 2.62 -28.00
N VAL A 238 13.20 2.97 -29.24
CA VAL A 238 14.22 3.25 -30.27
C VAL A 238 14.99 4.50 -29.87
N ALA A 239 14.31 5.43 -29.21
CA ALA A 239 14.93 6.68 -28.76
C ALA A 239 15.91 6.46 -27.63
N GLU A 240 15.54 5.64 -26.66
CA GLU A 240 16.45 5.38 -25.56
C GLU A 240 17.66 4.60 -26.07
N GLY A 241 17.42 3.67 -26.98
CA GLY A 241 18.50 2.87 -27.53
C GLY A 241 19.44 3.79 -28.25
N ARG A 242 18.84 4.66 -29.04
CA ARG A 242 19.58 5.64 -29.82
C ARG A 242 20.41 6.55 -28.92
N ARG A 243 19.79 7.04 -27.85
CA ARG A 243 20.45 7.93 -26.90
C ARG A 243 21.70 7.27 -26.35
N ARG A 244 21.52 6.04 -25.89
CA ARG A 244 22.61 5.25 -25.32
C ARG A 244 23.74 5.02 -26.33
N ALA A 245 23.36 4.68 -27.56
CA ALA A 245 24.32 4.43 -28.62
C ALA A 245 25.19 5.66 -28.82
N VAL A 246 24.55 6.82 -28.94
CA VAL A 246 25.28 8.07 -29.12
C VAL A 246 26.19 8.39 -27.91
N GLU A 247 25.68 8.20 -26.70
CA GLU A 247 26.48 8.47 -25.51
C GLU A 247 27.68 7.53 -25.43
N LEU A 248 27.53 6.33 -25.99
CA LEU A 248 28.61 5.37 -25.99
C LEU A 248 29.69 6.01 -26.85
N GLY A 249 29.26 6.62 -27.94
CA GLY A 249 30.19 7.27 -28.84
C GLY A 249 30.85 8.46 -28.18
N ARG A 250 30.05 9.27 -27.48
CA ARG A 250 30.56 10.45 -26.79
C ARG A 250 31.66 10.05 -25.81
N ASN A 251 31.53 8.86 -25.22
CA ASN A 251 32.47 8.30 -24.24
C ASN A 251 33.80 7.94 -24.88
N LEU A 252 33.74 7.45 -26.12
CA LEU A 252 34.95 7.06 -26.82
C LEU A 252 35.44 8.13 -27.79
N ASN A 253 35.03 9.38 -27.56
CA ASN A 253 35.43 10.50 -28.40
C ASN A 253 35.19 10.23 -29.88
N CYS A 254 34.00 9.72 -30.18
CA CYS A 254 33.62 9.41 -31.54
C CYS A 254 32.95 10.59 -32.21
N ASN A 255 33.04 10.63 -33.54
CA ASN A 255 32.40 11.68 -34.29
C ASN A 255 30.93 11.36 -34.19
N LEU A 256 30.13 12.35 -33.81
CA LEU A 256 28.70 12.16 -33.65
C LEU A 256 27.84 12.81 -34.75
N ASN A 257 28.48 13.31 -35.81
CA ASN A 257 27.76 13.96 -36.90
C ASN A 257 26.72 13.14 -37.66
N SER A 258 26.80 11.82 -37.58
CA SER A 258 25.82 10.97 -38.27
C SER A 258 25.98 9.53 -37.87
N ASP A 259 24.93 8.76 -38.13
CA ASP A 259 24.91 7.35 -37.81
C ASP A 259 26.13 6.56 -38.31
N GLU A 260 26.45 6.76 -39.59
CA GLU A 260 27.58 6.05 -40.17
C GLU A 260 28.94 6.44 -39.58
N GLU A 261 29.18 7.74 -39.37
CA GLU A 261 30.47 8.11 -38.81
C GLU A 261 30.61 7.52 -37.42
N LEU A 262 29.54 7.57 -36.64
CA LEU A 262 29.56 7.02 -35.28
C LEU A 262 29.87 5.53 -35.33
N ILE A 263 29.09 4.80 -36.14
CA ILE A 263 29.25 3.36 -36.26
C ILE A 263 30.66 2.98 -36.69
N HIS A 264 31.20 3.64 -37.70
CA HIS A 264 32.55 3.34 -38.14
C HIS A 264 33.57 3.56 -37.02
N CYS A 265 33.38 4.62 -36.26
CA CYS A 265 34.26 4.91 -35.15
C CYS A 265 34.19 3.79 -34.13
N LEU A 266 32.99 3.31 -33.86
CA LEU A 266 32.85 2.26 -32.88
C LEU A 266 33.40 0.95 -33.38
N ARG A 267 33.45 0.77 -34.69
CA ARG A 267 33.99 -0.47 -35.26
C ARG A 267 35.49 -0.55 -35.11
N GLU A 268 36.13 0.63 -35.10
CA GLU A 268 37.58 0.75 -34.96
C GLU A 268 38.06 0.31 -33.60
N LYS A 269 37.31 0.73 -32.57
CA LYS A 269 37.63 0.42 -31.18
C LYS A 269 37.74 -1.07 -30.92
N LYS A 270 38.67 -1.42 -30.03
CA LYS A 270 38.86 -2.81 -29.67
C LYS A 270 37.72 -3.24 -28.77
N PRO A 271 37.37 -4.53 -28.79
CA PRO A 271 36.28 -5.06 -27.98
C PRO A 271 36.32 -4.60 -26.52
N GLN A 272 37.51 -4.61 -25.93
CA GLN A 272 37.62 -4.22 -24.53
C GLN A 272 37.37 -2.73 -24.27
N GLU A 273 37.70 -1.88 -25.22
CA GLU A 273 37.48 -0.44 -25.05
C GLU A 273 36.00 -0.14 -24.91
N LEU A 274 35.20 -0.87 -25.70
CA LEU A 274 33.75 -0.74 -25.71
C LEU A 274 33.15 -1.21 -24.39
N ILE A 275 33.66 -2.31 -23.89
CA ILE A 275 33.19 -2.89 -22.64
C ILE A 275 33.61 -2.04 -21.44
N ASP A 276 34.74 -1.37 -21.53
CA ASP A 276 35.20 -0.55 -20.41
C ASP A 276 34.35 0.66 -20.12
N VAL A 277 33.49 1.06 -21.05
CA VAL A 277 32.62 2.22 -20.86
C VAL A 277 31.17 1.85 -21.11
N GLU A 278 30.88 0.55 -21.19
CA GLU A 278 29.54 0.05 -21.44
C GLU A 278 28.46 0.55 -20.48
N TRP A 279 28.74 0.48 -19.18
CA TRP A 279 27.80 0.88 -18.15
C TRP A 279 27.55 2.38 -18.07
N ASN A 280 28.50 3.18 -18.55
CA ASN A 280 28.39 4.63 -18.54
C ASN A 280 27.16 5.27 -19.21
N VAL A 281 26.54 4.52 -20.11
CA VAL A 281 25.38 5.00 -20.86
C VAL A 281 24.01 4.90 -20.17
N LEU A 282 23.94 4.12 -19.10
CA LEU A 282 22.69 3.98 -18.36
C LEU A 282 22.22 5.34 -17.87
N PRO A 283 20.91 5.62 -17.98
CA PRO A 283 20.36 6.91 -17.54
C PRO A 283 20.29 7.11 -16.03
N PHE A 284 20.23 6.02 -15.27
CA PHE A 284 20.15 6.15 -13.82
C PHE A 284 21.14 5.25 -13.11
N ASP A 285 21.61 5.71 -11.96
CA ASP A 285 22.49 4.88 -11.13
C ASP A 285 21.51 3.79 -10.63
N SER A 286 21.80 2.52 -10.87
CA SER A 286 20.85 1.52 -10.44
C SER A 286 21.32 0.10 -10.32
N ILE A 287 20.36 -0.80 -10.10
N ILE A 287 20.35 -0.79 -10.08
CA ILE A 287 20.66 -2.23 -10.03
CA ILE A 287 20.57 -2.22 -9.92
C ILE A 287 19.63 -2.96 -10.87
C ILE A 287 19.59 -2.99 -10.82
N PHE A 288 20.07 -4.03 -11.51
CA PHE A 288 19.21 -4.84 -12.39
C PHE A 288 18.83 -4.05 -13.65
N ARG A 289 19.82 -3.34 -14.19
CA ARG A 289 19.65 -2.54 -15.40
C ARG A 289 20.88 -2.74 -16.27
N PHE A 290 20.65 -2.98 -17.57
CA PHE A 290 21.75 -3.21 -18.51
C PHE A 290 21.68 -2.26 -19.71
N SER A 291 22.83 -1.85 -20.19
CA SER A 291 22.93 -0.89 -21.29
C SER A 291 22.29 -1.23 -22.62
N PHE A 292 22.80 -2.30 -23.24
CA PHE A 292 22.32 -2.69 -24.56
C PHE A 292 21.46 -3.93 -24.54
N VAL A 293 20.19 -3.68 -24.76
CA VAL A 293 19.16 -4.70 -24.72
C VAL A 293 18.27 -4.46 -25.94
N PRO A 294 17.34 -5.39 -26.19
CA PRO A 294 16.41 -5.31 -27.33
C PRO A 294 15.72 -3.96 -27.41
N VAL A 295 15.35 -3.56 -28.62
CA VAL A 295 14.66 -2.31 -28.84
C VAL A 295 13.34 -2.56 -29.57
N ILE A 296 12.28 -1.87 -29.18
CA ILE A 296 10.99 -2.03 -29.85
C ILE A 296 11.09 -1.17 -31.11
N ASP A 297 11.60 -1.79 -32.17
CA ASP A 297 11.85 -1.15 -33.46
C ASP A 297 10.74 -1.20 -34.48
N GLY A 298 9.65 -1.90 -34.18
CA GLY A 298 8.56 -1.98 -35.14
C GLY A 298 8.88 -2.95 -36.27
N GLU A 299 9.88 -3.79 -36.04
CA GLU A 299 10.32 -4.78 -37.02
C GLU A 299 10.29 -6.14 -36.33
N PHE A 300 11.32 -6.45 -35.55
CA PHE A 300 11.36 -7.69 -34.79
C PHE A 300 10.11 -7.65 -33.92
N PHE A 301 9.82 -6.46 -33.38
CA PHE A 301 8.63 -6.23 -32.57
C PHE A 301 7.77 -5.25 -33.37
N PRO A 302 6.58 -5.71 -33.86
CA PRO A 302 5.62 -4.91 -34.65
C PRO A 302 5.15 -3.65 -33.96
N THR A 303 4.67 -3.80 -32.73
CA THR A 303 4.17 -2.67 -31.93
C THR A 303 4.72 -2.88 -30.54
N SER A 304 4.23 -2.12 -29.56
CA SER A 304 4.70 -2.25 -28.19
C SER A 304 4.37 -3.65 -27.69
N LEU A 305 5.18 -4.16 -26.75
CA LEU A 305 4.97 -5.51 -26.21
C LEU A 305 3.55 -5.67 -25.67
N GLU A 306 3.15 -4.70 -24.86
CA GLU A 306 1.84 -4.68 -24.21
C GLU A 306 0.77 -4.70 -25.28
N SER A 307 0.90 -3.82 -26.27
CA SER A 307 -0.07 -3.78 -27.35
C SER A 307 -0.21 -5.16 -28.00
N MET A 308 0.90 -5.84 -28.22
CA MET A 308 0.85 -7.17 -28.83
C MET A 308 0.21 -8.18 -27.87
N LEU A 309 0.57 -8.10 -26.59
CA LEU A 309 0.04 -9.05 -25.62
C LEU A 309 -1.46 -8.90 -25.51
N ASN A 310 -1.95 -7.67 -25.57
CA ASN A 310 -3.37 -7.42 -25.47
C ASN A 310 -4.16 -7.88 -26.69
N SER A 311 -3.71 -7.52 -27.88
CA SER A 311 -4.44 -7.95 -29.06
C SER A 311 -4.26 -9.44 -29.31
N GLY A 312 -3.33 -10.07 -28.60
CA GLY A 312 -3.08 -11.49 -28.80
C GLY A 312 -2.23 -11.76 -30.05
N ASN A 313 -1.45 -10.75 -30.45
CA ASN A 313 -0.58 -10.85 -31.62
C ASN A 313 0.70 -11.58 -31.26
N PHE A 314 0.63 -12.91 -31.14
CA PHE A 314 1.81 -13.71 -30.78
C PHE A 314 1.61 -15.19 -30.97
N LYS A 315 2.69 -15.97 -30.94
CA LYS A 315 2.54 -17.41 -31.13
C LYS A 315 1.65 -18.03 -30.06
N LYS A 316 0.56 -18.65 -30.49
CA LYS A 316 -0.35 -19.31 -29.58
C LYS A 316 0.07 -20.76 -29.43
N THR A 317 0.54 -21.15 -28.26
CA THR A 317 0.94 -22.53 -28.01
C THR A 317 0.94 -22.78 -26.52
N GLN A 318 1.68 -23.78 -26.06
CA GLN A 318 1.74 -24.04 -24.61
C GLN A 318 3.04 -23.43 -24.03
N ILE A 319 3.00 -22.99 -22.80
CA ILE A 319 4.19 -22.44 -22.17
C ILE A 319 4.32 -22.97 -20.74
N LEU A 320 5.55 -23.24 -20.33
CA LEU A 320 5.84 -23.69 -18.98
C LEU A 320 6.86 -22.68 -18.47
N LEU A 321 6.54 -21.97 -17.39
CA LEU A 321 7.44 -20.96 -16.88
C LEU A 321 7.33 -20.82 -15.37
N GLY A 322 8.25 -20.05 -14.76
CA GLY A 322 8.22 -19.90 -13.32
C GLY A 322 9.25 -18.92 -12.82
N VAL A 323 9.41 -18.84 -11.51
CA VAL A 323 10.37 -17.92 -10.91
C VAL A 323 10.90 -18.54 -9.63
N ASN A 324 12.01 -17.98 -9.14
CA ASN A 324 12.65 -18.44 -7.92
C ASN A 324 12.28 -17.57 -6.73
N LYS A 325 12.33 -18.17 -5.54
CA LYS A 325 12.00 -17.49 -4.28
C LYS A 325 12.65 -16.12 -4.04
N ASP A 326 13.97 -15.99 -4.29
CA ASP A 326 14.67 -14.72 -4.05
C ASP A 326 15.52 -14.25 -5.25
N GLU A 327 14.84 -13.77 -6.28
CA GLU A 327 15.48 -13.31 -7.50
C GLU A 327 16.38 -12.10 -7.33
N GLY A 328 16.10 -11.28 -6.31
CA GLY A 328 16.89 -10.06 -6.12
C GLY A 328 18.16 -10.04 -5.28
N SER A 329 18.37 -11.06 -4.46
CA SER A 329 19.55 -11.09 -3.60
C SER A 329 20.86 -10.81 -4.32
N PHE A 330 21.06 -11.47 -5.46
CA PHE A 330 22.27 -11.32 -6.26
C PHE A 330 22.54 -9.85 -6.59
N PHE A 331 21.52 -9.16 -7.06
CA PHE A 331 21.62 -7.75 -7.44
C PHE A 331 21.91 -6.79 -6.29
N LEU A 332 21.21 -6.97 -5.18
CA LEU A 332 21.43 -6.14 -4.00
C LEU A 332 22.84 -6.37 -3.45
N LEU A 333 23.30 -7.62 -3.49
CA LEU A 333 24.64 -7.94 -3.02
C LEU A 333 25.73 -7.19 -3.80
N TYR A 334 25.55 -7.06 -5.11
CA TYR A 334 26.55 -6.39 -5.92
C TYR A 334 26.52 -4.88 -5.94
N GLY A 335 25.34 -4.28 -5.83
CA GLY A 335 25.30 -2.84 -5.91
C GLY A 335 24.68 -1.99 -4.83
N ALA A 336 24.17 -2.62 -3.77
CA ALA A 336 23.51 -1.88 -2.69
C ALA A 336 24.22 -1.87 -1.34
N PRO A 337 24.20 -0.73 -0.64
CA PRO A 337 24.84 -0.60 0.68
C PRO A 337 24.18 -1.46 1.75
N GLY A 338 25.01 -2.06 2.61
CA GLY A 338 24.48 -2.90 3.67
C GLY A 338 24.56 -4.38 3.35
N PHE A 339 24.64 -4.69 2.06
CA PHE A 339 24.69 -6.08 1.64
C PHE A 339 26.10 -6.65 1.49
N SER A 340 26.35 -7.73 2.21
CA SER A 340 27.66 -8.34 2.14
C SER A 340 27.52 -9.84 1.96
N LYS A 341 28.53 -10.43 1.32
CA LYS A 341 28.54 -11.86 1.07
C LYS A 341 29.05 -12.57 2.31
N ASP A 342 29.73 -11.82 3.18
CA ASP A 342 30.29 -12.41 4.36
C ASP A 342 29.57 -12.09 5.67
N SER A 343 28.29 -11.76 5.58
CA SER A 343 27.50 -11.43 6.78
C SER A 343 26.02 -11.60 6.47
N GLU A 344 25.21 -11.47 7.50
CA GLU A 344 23.77 -11.59 7.36
C GLU A 344 23.16 -10.41 6.62
N SER A 345 23.94 -9.36 6.45
CA SER A 345 23.45 -8.19 5.75
C SER A 345 22.14 -7.62 6.31
N LYS A 346 22.13 -7.27 7.58
CA LYS A 346 20.93 -6.68 8.16
C LYS A 346 20.89 -5.24 7.67
N ILE A 347 19.71 -4.80 7.24
CA ILE A 347 19.55 -3.49 6.67
C ILE A 347 18.88 -2.42 7.52
N SER A 348 19.64 -1.36 7.79
CA SER A 348 19.13 -0.25 8.57
C SER A 348 18.04 0.43 7.76
N ARG A 349 17.30 1.32 8.40
CA ARG A 349 16.24 2.03 7.74
C ARG A 349 16.87 2.90 6.65
N GLU A 350 17.96 3.56 7.01
N GLU A 350 17.97 3.56 7.02
CA GLU A 350 18.66 4.44 6.06
CA GLU A 350 18.71 4.44 6.11
C GLU A 350 19.18 3.71 4.82
C GLU A 350 19.21 3.72 4.83
N ASP A 351 19.68 2.49 4.99
CA ASP A 351 20.18 1.75 3.85
C ASP A 351 19.02 1.20 3.05
N PHE A 352 17.88 1.04 3.72
CA PHE A 352 16.71 0.53 3.03
C PHE A 352 16.26 1.61 2.09
N MET A 353 16.25 2.84 2.56
CA MET A 353 15.82 3.96 1.75
C MET A 353 16.69 4.08 0.51
N SER A 354 18.00 3.86 0.69
CA SER A 354 18.94 3.90 -0.42
C SER A 354 18.56 2.79 -1.39
N GLY A 355 18.47 1.58 -0.84
CA GLY A 355 18.12 0.42 -1.62
C GLY A 355 16.93 0.58 -2.53
N VAL A 356 15.86 1.15 -2.02
N VAL A 356 15.86 1.16 -2.02
CA VAL A 356 14.67 1.33 -2.84
CA VAL A 356 14.68 1.33 -2.85
C VAL A 356 14.87 2.32 -3.98
C VAL A 356 14.89 2.31 -3.99
N LYS A 357 15.67 3.36 -3.79
CA LYS A 357 15.89 4.32 -4.87
C LYS A 357 16.75 3.69 -5.99
N LEU A 358 17.69 2.85 -5.60
CA LEU A 358 18.55 2.14 -6.54
C LEU A 358 17.72 1.06 -7.25
N SER A 359 16.66 0.59 -6.59
CA SER A 359 15.82 -0.48 -7.14
C SER A 359 14.76 -0.06 -8.15
N VAL A 360 14.16 1.10 -7.95
CA VAL A 360 13.15 1.58 -8.87
C VAL A 360 13.65 2.94 -9.34
N PRO A 361 14.75 2.94 -10.11
CA PRO A 361 15.40 4.12 -10.66
C PRO A 361 14.54 5.09 -11.45
N HIS A 362 13.44 4.60 -12.01
CA HIS A 362 12.60 5.45 -12.82
C HIS A 362 11.50 6.18 -12.02
N ALA A 363 11.21 5.67 -10.83
CA ALA A 363 10.18 6.23 -9.99
C ALA A 363 10.51 7.61 -9.42
N ASN A 364 9.49 8.44 -9.27
CA ASN A 364 9.67 9.76 -8.69
C ASN A 364 9.50 9.57 -7.19
N ASP A 365 9.64 10.65 -6.43
CA ASP A 365 9.53 10.55 -4.99
C ASP A 365 8.24 9.88 -4.53
N LEU A 366 7.11 10.27 -5.10
CA LEU A 366 5.83 9.68 -4.71
C LEU A 366 5.88 8.18 -4.94
N GLY A 367 6.48 7.80 -6.06
CA GLY A 367 6.59 6.40 -6.40
C GLY A 367 7.43 5.66 -5.39
N LEU A 368 8.59 6.23 -5.05
CA LEU A 368 9.49 5.60 -4.09
C LEU A 368 8.76 5.47 -2.76
N ASP A 369 8.04 6.53 -2.39
CA ASP A 369 7.27 6.50 -1.15
C ASP A 369 6.33 5.29 -1.17
N ALA A 370 5.59 5.16 -2.27
CA ALA A 370 4.65 4.08 -2.40
C ALA A 370 5.33 2.73 -2.29
N VAL A 371 6.48 2.57 -2.94
CA VAL A 371 7.16 1.28 -2.86
C VAL A 371 7.58 0.98 -1.43
N THR A 372 7.97 2.03 -0.70
CA THR A 372 8.39 1.89 0.68
C THR A 372 7.25 1.51 1.60
N LEU A 373 6.14 2.22 1.49
CA LEU A 373 4.99 1.95 2.31
C LEU A 373 4.56 0.50 2.11
N GLN A 374 4.59 0.07 0.86
CA GLN A 374 4.19 -1.27 0.48
C GLN A 374 5.02 -2.37 1.10
N TYR A 375 6.31 -2.11 1.31
CA TYR A 375 7.18 -3.14 1.86
C TYR A 375 7.72 -2.86 3.26
N THR A 376 7.19 -1.85 3.94
CA THR A 376 7.69 -1.55 5.27
C THR A 376 6.73 -1.91 6.37
N ASP A 377 7.26 -2.43 7.48
CA ASP A 377 6.47 -2.81 8.64
C ASP A 377 6.68 -1.68 9.64
N TRP A 378 5.82 -0.66 9.59
CA TRP A 378 5.95 0.49 10.47
C TRP A 378 5.90 0.25 11.97
N MET A 379 5.64 -0.99 12.39
CA MET A 379 5.63 -1.29 13.82
C MET A 379 7.01 -1.83 14.21
N ASP A 380 7.82 -2.10 13.20
CA ASP A 380 9.14 -2.67 13.44
C ASP A 380 10.09 -2.32 12.29
N ASP A 381 10.22 -1.02 12.04
CA ASP A 381 11.03 -0.50 10.94
C ASP A 381 12.56 -0.47 11.07
N ASN A 382 13.10 -0.98 12.18
CA ASN A 382 14.56 -1.02 12.31
C ASN A 382 14.99 -2.48 12.37
N ASN A 383 14.05 -3.38 12.09
CA ASN A 383 14.35 -4.79 12.07
C ASN A 383 15.22 -5.01 10.83
N GLY A 384 16.50 -5.34 11.06
CA GLY A 384 17.46 -5.55 9.99
C GLY A 384 17.17 -6.69 9.04
N ILE A 385 16.40 -7.67 9.49
CA ILE A 385 16.03 -8.81 8.66
C ILE A 385 14.80 -8.46 7.84
N LYS A 386 13.80 -7.86 8.47
CA LYS A 386 12.61 -7.47 7.72
C LYS A 386 13.01 -6.51 6.61
N ASN A 387 13.90 -5.57 6.91
CA ASN A 387 14.32 -4.60 5.90
C ASN A 387 15.15 -5.24 4.77
N ARG A 388 16.01 -6.20 5.13
CA ARG A 388 16.82 -6.89 4.15
C ARG A 388 15.90 -7.64 3.19
N ASP A 389 15.04 -8.49 3.77
CA ASP A 389 14.10 -9.29 3.01
C ASP A 389 13.16 -8.40 2.20
N GLY A 390 12.74 -7.30 2.79
CA GLY A 390 11.85 -6.39 2.09
C GLY A 390 12.49 -5.90 0.80
N LEU A 391 13.75 -5.50 0.87
CA LEU A 391 14.44 -5.00 -0.31
C LEU A 391 14.61 -6.14 -1.33
N ASP A 392 15.00 -7.30 -0.83
CA ASP A 392 15.20 -8.46 -1.67
C ASP A 392 13.92 -8.70 -2.45
N ASP A 393 12.76 -8.61 -1.77
CA ASP A 393 11.46 -8.83 -2.40
C ASP A 393 11.10 -7.73 -3.38
N ILE A 394 11.48 -6.52 -3.07
CA ILE A 394 11.20 -5.42 -3.98
C ILE A 394 11.87 -5.69 -5.31
N VAL A 395 13.18 -5.93 -5.27
CA VAL A 395 13.94 -6.17 -6.48
C VAL A 395 13.46 -7.36 -7.29
N GLY A 396 13.16 -8.46 -6.62
CA GLY A 396 12.71 -9.66 -7.29
C GLY A 396 11.30 -9.58 -7.87
N ASP A 397 10.41 -8.86 -7.17
CA ASP A 397 9.02 -8.70 -7.60
C ASP A 397 8.87 -7.73 -8.75
N HIS A 398 9.66 -6.68 -8.71
CA HIS A 398 9.61 -5.64 -9.72
C HIS A 398 10.29 -6.04 -11.02
N ASN A 399 11.41 -6.75 -10.90
CA ASN A 399 12.18 -7.12 -12.06
C ASN A 399 11.88 -8.48 -12.69
N VAL A 400 11.50 -9.46 -11.87
CA VAL A 400 11.23 -10.79 -12.37
C VAL A 400 9.81 -11.29 -12.15
N ILE A 401 9.45 -11.56 -10.90
CA ILE A 401 8.13 -12.12 -10.64
C ILE A 401 6.91 -11.42 -11.25
N CYS A 402 6.65 -10.17 -10.87
CA CYS A 402 5.48 -9.47 -11.41
C CYS A 402 5.43 -9.21 -12.90
N PRO A 403 6.59 -9.02 -13.56
CA PRO A 403 6.48 -8.79 -15.01
C PRO A 403 6.08 -10.12 -15.67
N LEU A 404 6.53 -11.20 -15.05
CA LEU A 404 6.22 -12.51 -15.59
C LEU A 404 4.76 -12.89 -15.28
N MET A 405 4.25 -12.44 -14.13
CA MET A 405 2.87 -12.73 -13.77
C MET A 405 1.94 -11.93 -14.68
N HIS A 406 2.39 -10.78 -15.16
CA HIS A 406 1.59 -9.98 -16.07
C HIS A 406 1.61 -10.71 -17.43
N PHE A 407 2.78 -11.25 -17.79
CA PHE A 407 2.91 -11.96 -19.06
C PHE A 407 2.05 -13.22 -19.04
N VAL A 408 2.14 -13.97 -17.94
CA VAL A 408 1.38 -15.20 -17.77
C VAL A 408 -0.14 -14.98 -17.89
N ASN A 409 -0.68 -13.95 -17.25
CA ASN A 409 -2.12 -13.70 -17.32
C ASN A 409 -2.57 -13.21 -18.70
N LYS A 410 -1.73 -12.49 -19.41
CA LYS A 410 -2.08 -12.01 -20.74
C LYS A 410 -1.95 -13.15 -21.74
N TYR A 411 -0.87 -13.90 -21.65
CA TYR A 411 -0.67 -14.98 -22.58
C TYR A 411 -1.76 -16.04 -22.48
N THR A 412 -2.11 -16.41 -21.24
CA THR A 412 -3.12 -17.43 -21.00
C THR A 412 -4.45 -17.11 -21.67
N LYS A 413 -4.72 -15.82 -21.87
CA LYS A 413 -5.94 -15.40 -22.52
C LYS A 413 -6.08 -15.98 -23.94
N PHE A 414 -4.96 -16.13 -24.65
CA PHE A 414 -4.99 -16.67 -26.03
C PHE A 414 -4.23 -18.00 -26.17
N GLY A 415 -3.40 -18.30 -25.19
CA GLY A 415 -2.59 -19.50 -25.25
C GLY A 415 -3.33 -20.81 -25.34
N ASN A 416 -2.57 -21.90 -25.46
CA ASN A 416 -3.15 -23.22 -25.58
C ASN A 416 -2.74 -24.06 -24.37
N GLY A 417 -2.24 -23.42 -23.33
CA GLY A 417 -1.85 -24.15 -22.13
C GLY A 417 -0.67 -23.56 -21.35
N THR A 418 -0.94 -23.08 -20.15
CA THR A 418 0.10 -22.50 -19.30
C THR A 418 0.40 -23.37 -18.08
N TYR A 419 1.67 -23.46 -17.69
CA TYR A 419 2.02 -24.20 -16.48
C TYR A 419 3.04 -23.33 -15.73
N LEU A 420 2.62 -22.85 -14.57
CA LEU A 420 3.42 -21.96 -13.72
C LEU A 420 4.00 -22.64 -12.49
N TYR A 421 5.20 -22.22 -12.10
CA TYR A 421 5.86 -22.79 -10.93
C TYR A 421 6.52 -21.74 -10.04
N PHE A 422 6.91 -22.17 -8.85
CA PHE A 422 7.57 -21.30 -7.92
C PHE A 422 8.67 -22.15 -7.31
N PHE A 423 9.92 -21.89 -7.70
CA PHE A 423 11.06 -22.66 -7.23
C PHE A 423 11.62 -22.05 -5.95
N ASN A 424 11.58 -22.83 -4.86
CA ASN A 424 12.03 -22.31 -3.59
C ASN A 424 12.88 -23.24 -2.76
N HIS A 425 13.75 -24.00 -3.42
CA HIS A 425 14.66 -24.90 -2.72
C HIS A 425 16.05 -24.31 -2.80
N ARG A 426 16.75 -24.31 -1.67
CA ARG A 426 18.11 -23.77 -1.59
C ARG A 426 19.08 -24.96 -1.54
N ALA A 427 19.90 -25.12 -2.56
CA ALA A 427 20.85 -26.23 -2.61
C ALA A 427 21.54 -26.45 -1.26
N SER A 428 21.69 -27.71 -0.88
CA SER A 428 22.31 -28.06 0.38
C SER A 428 23.76 -27.63 0.35
N ASN A 429 24.33 -27.56 -0.85
CA ASN A 429 25.73 -27.20 -1.04
C ASN A 429 25.91 -25.80 -1.65
N LEU A 430 24.97 -24.90 -1.40
CA LEU A 430 25.08 -23.54 -1.95
C LEU A 430 26.28 -22.87 -1.32
N VAL A 431 27.10 -22.22 -2.14
CA VAL A 431 28.31 -21.53 -1.66
C VAL A 431 28.06 -20.08 -1.26
N TRP A 432 26.85 -19.58 -1.51
CA TRP A 432 26.50 -18.20 -1.15
C TRP A 432 25.87 -18.25 0.23
N PRO A 433 25.91 -17.11 0.97
CA PRO A 433 25.33 -17.02 2.32
C PRO A 433 23.81 -17.25 2.37
N GLU A 434 23.37 -17.86 3.47
CA GLU A 434 21.97 -18.17 3.71
C GLU A 434 20.97 -17.07 3.47
N TRP A 435 21.34 -15.81 3.71
CA TRP A 435 20.39 -14.73 3.51
C TRP A 435 19.97 -14.50 2.06
N MET A 436 20.74 -15.01 1.12
CA MET A 436 20.40 -14.81 -0.28
C MET A 436 19.29 -15.75 -0.72
N GLY A 437 19.09 -16.83 0.04
CA GLY A 437 18.04 -17.79 -0.25
C GLY A 437 18.16 -18.55 -1.57
N VAL A 438 17.03 -18.65 -2.26
CA VAL A 438 16.93 -19.31 -3.55
C VAL A 438 17.19 -18.23 -4.58
N ILE A 439 18.46 -18.08 -4.88
CA ILE A 439 19.01 -17.08 -5.80
C ILE A 439 18.65 -17.19 -7.29
N HIS A 440 18.61 -16.03 -7.91
CA HIS A 440 18.35 -15.89 -9.34
C HIS A 440 19.40 -16.75 -10.06
N GLY A 441 18.93 -17.70 -10.87
CA GLY A 441 19.83 -18.56 -11.63
C GLY A 441 20.18 -19.91 -11.05
N TYR A 442 19.80 -20.18 -9.80
CA TYR A 442 20.15 -21.45 -9.16
C TYR A 442 19.13 -22.59 -9.26
N GLU A 443 18.23 -22.48 -10.23
CA GLU A 443 17.27 -23.54 -10.48
C GLU A 443 17.85 -24.27 -11.70
N ILE A 444 18.68 -23.53 -12.45
CA ILE A 444 19.31 -24.01 -13.66
C ILE A 444 20.08 -25.31 -13.48
N GLU A 445 20.83 -25.43 -12.40
CA GLU A 445 21.57 -26.66 -12.16
C GLU A 445 20.62 -27.82 -12.00
N PHE A 446 19.42 -27.58 -11.48
CA PHE A 446 18.49 -28.68 -11.33
C PHE A 446 17.94 -29.05 -12.70
N VAL A 447 17.48 -28.06 -13.46
CA VAL A 447 16.98 -28.28 -14.81
C VAL A 447 18.03 -29.05 -15.63
N PHE A 448 19.32 -28.79 -15.40
CA PHE A 448 20.38 -29.49 -16.13
C PHE A 448 20.92 -30.75 -15.45
N GLY A 449 20.20 -31.24 -14.44
CA GLY A 449 20.57 -32.44 -13.74
C GLY A 449 21.94 -32.61 -13.11
N LEU A 450 22.58 -31.52 -12.69
N LEU A 450 22.58 -31.52 -12.69
CA LEU A 450 23.88 -31.63 -12.04
CA LEU A 450 23.88 -31.63 -12.04
C LEU A 450 23.76 -32.47 -10.76
C LEU A 450 23.76 -32.47 -10.76
N PRO A 451 22.63 -32.38 -10.04
CA PRO A 451 22.43 -33.15 -8.80
C PRO A 451 22.46 -34.68 -9.01
N LEU A 452 22.74 -35.14 -10.24
CA LEU A 452 22.79 -36.57 -10.50
C LEU A 452 24.22 -37.06 -10.42
N VAL A 453 25.17 -36.13 -10.45
CA VAL A 453 26.57 -36.53 -10.36
C VAL A 453 27.09 -36.37 -8.93
N LYS A 454 27.21 -37.51 -8.26
CA LYS A 454 27.66 -37.60 -6.86
C LYS A 454 28.83 -36.72 -6.43
N GLU A 455 29.86 -36.61 -7.25
CA GLU A 455 30.98 -35.78 -6.87
C GLU A 455 30.61 -34.33 -6.61
N LEU A 456 29.37 -33.95 -6.91
CA LEU A 456 28.89 -32.58 -6.70
C LEU A 456 28.21 -32.41 -5.35
N ASN A 457 28.21 -33.50 -4.60
CA ASN A 457 27.68 -33.52 -3.25
C ASN A 457 26.27 -32.96 -2.96
N TYR A 458 25.29 -33.25 -3.80
CA TYR A 458 23.91 -32.81 -3.54
C TYR A 458 23.29 -33.94 -2.72
N THR A 459 22.12 -33.72 -2.15
CA THR A 459 21.48 -34.78 -1.37
C THR A 459 20.57 -35.66 -2.25
N ALA A 460 20.39 -36.90 -1.85
CA ALA A 460 19.54 -37.83 -2.59
C ALA A 460 18.20 -37.16 -2.90
N GLU A 461 17.62 -36.50 -1.91
CA GLU A 461 16.34 -35.83 -2.10
C GLU A 461 16.43 -34.76 -3.19
N GLU A 462 17.63 -34.23 -3.40
CA GLU A 462 17.81 -33.22 -4.43
C GLU A 462 17.93 -33.91 -5.79
N GLU A 463 18.59 -35.05 -5.85
CA GLU A 463 18.71 -35.78 -7.12
C GLU A 463 17.30 -36.07 -7.60
N ALA A 464 16.42 -36.38 -6.65
CA ALA A 464 15.03 -36.67 -6.94
C ALA A 464 14.35 -35.43 -7.52
N LEU A 465 14.63 -34.27 -6.93
CA LEU A 465 14.04 -33.04 -7.42
C LEU A 465 14.53 -32.76 -8.83
N SER A 466 15.82 -32.98 -9.05
CA SER A 466 16.41 -32.73 -10.35
C SER A 466 15.71 -33.58 -11.41
N ARG A 467 15.62 -34.88 -11.13
CA ARG A 467 14.99 -35.83 -12.06
C ARG A 467 13.55 -35.50 -12.39
N ARG A 468 12.74 -35.18 -11.39
CA ARG A 468 11.35 -34.87 -11.70
C ARG A 468 11.30 -33.57 -12.49
N ILE A 469 12.23 -32.67 -12.22
CA ILE A 469 12.24 -31.40 -12.92
C ILE A 469 12.63 -31.60 -14.39
N MET A 470 13.65 -32.42 -14.61
CA MET A 470 14.07 -32.71 -15.96
C MET A 470 12.95 -33.45 -16.70
N HIS A 471 12.24 -34.30 -15.98
CA HIS A 471 11.16 -35.04 -16.62
C HIS A 471 10.02 -34.09 -16.96
N TYR A 472 9.71 -33.16 -16.04
CA TYR A 472 8.66 -32.17 -16.27
C TYR A 472 9.00 -31.39 -17.53
N TRP A 473 10.22 -30.89 -17.58
CA TRP A 473 10.67 -30.08 -18.69
C TRP A 473 10.58 -30.85 -19.99
N ALA A 474 11.17 -32.04 -20.00
CA ALA A 474 11.18 -32.88 -21.18
C ALA A 474 9.80 -33.39 -21.58
N THR A 475 9.00 -33.83 -20.61
CA THR A 475 7.66 -34.32 -20.90
C THR A 475 6.83 -33.17 -21.47
N PHE A 476 7.06 -31.96 -20.96
CA PHE A 476 6.36 -30.79 -21.46
C PHE A 476 6.83 -30.51 -22.89
N ALA A 477 8.13 -30.60 -23.10
CA ALA A 477 8.71 -30.35 -24.41
C ALA A 477 8.09 -31.29 -25.44
N LYS A 478 8.15 -32.58 -25.13
CA LYS A 478 7.61 -33.59 -26.02
C LYS A 478 6.09 -33.58 -26.24
N THR A 479 5.32 -33.20 -25.23
CA THR A 479 3.87 -33.26 -25.35
C THR A 479 3.09 -31.98 -25.21
N GLY A 480 3.70 -30.95 -24.61
CA GLY A 480 3.02 -29.69 -24.40
C GLY A 480 2.37 -29.77 -23.04
N ASN A 481 2.72 -30.82 -22.30
CA ASN A 481 2.18 -31.09 -20.98
C ASN A 481 3.27 -31.72 -20.11
N PRO A 482 3.60 -31.11 -18.97
CA PRO A 482 4.63 -31.64 -18.08
C PRO A 482 4.28 -32.97 -17.43
N ASN A 483 2.99 -33.28 -17.35
CA ASN A 483 2.55 -34.54 -16.73
C ASN A 483 2.61 -35.74 -17.67
N GLU A 484 2.71 -36.92 -17.09
CA GLU A 484 2.76 -38.15 -17.85
C GLU A 484 1.63 -39.03 -17.34
N PRO A 485 0.52 -39.17 -18.10
CA PRO A 485 -0.63 -39.99 -17.70
C PRO A 485 -0.33 -41.48 -17.61
N SER A 490 -0.84 -36.82 -7.30
CA SER A 490 -0.95 -35.41 -7.66
C SER A 490 -0.19 -35.04 -8.95
N LYS A 491 -0.79 -34.14 -9.73
CA LYS A 491 -0.20 -33.70 -10.99
C LYS A 491 -0.06 -32.18 -11.02
N TRP A 492 0.86 -31.70 -11.85
CA TRP A 492 1.08 -30.26 -12.02
C TRP A 492 -0.12 -29.74 -12.80
N PRO A 493 -1.03 -29.00 -12.12
CA PRO A 493 -2.25 -28.44 -12.73
C PRO A 493 -2.02 -27.28 -13.69
N LEU A 494 -2.94 -27.18 -14.64
CA LEU A 494 -2.91 -26.16 -15.67
C LEU A 494 -3.18 -24.80 -15.02
N PHE A 495 -2.59 -23.74 -15.57
CA PHE A 495 -2.84 -22.42 -15.04
C PHE A 495 -3.97 -21.85 -15.88
N THR A 496 -5.01 -21.35 -15.22
CA THR A 496 -6.17 -20.76 -15.89
C THR A 496 -6.48 -19.42 -15.21
N THR A 497 -6.77 -18.40 -16.00
CA THR A 497 -7.06 -17.09 -15.44
C THR A 497 -8.16 -17.13 -14.38
N LYS A 498 -8.91 -18.23 -14.28
CA LYS A 498 -9.96 -18.33 -13.28
C LYS A 498 -9.42 -18.79 -11.93
N GLU A 499 -8.68 -19.91 -11.92
CA GLU A 499 -8.12 -20.46 -10.68
C GLU A 499 -6.67 -20.05 -10.42
N GLN A 500 -5.95 -19.63 -11.46
CA GLN A 500 -4.57 -19.20 -11.32
C GLN A 500 -3.71 -20.08 -10.44
N LYS A 501 -3.77 -21.39 -10.67
CA LYS A 501 -2.99 -22.34 -9.88
C LYS A 501 -1.56 -22.44 -10.37
N PHE A 502 -0.66 -22.84 -9.46
CA PHE A 502 0.75 -23.05 -9.74
C PHE A 502 1.30 -24.00 -8.69
N ILE A 503 2.47 -24.58 -8.93
CA ILE A 503 3.02 -25.51 -7.97
C ILE A 503 4.34 -25.05 -7.37
N ASP A 504 4.70 -25.60 -6.22
CA ASP A 504 5.98 -25.29 -5.59
C ASP A 504 6.93 -26.30 -6.17
N LEU A 505 8.16 -25.90 -6.41
CA LEU A 505 9.13 -26.82 -6.93
C LEU A 505 10.23 -26.94 -5.88
N ASN A 506 10.18 -28.01 -5.09
CA ASN A 506 11.17 -28.25 -4.04
C ASN A 506 11.25 -29.73 -3.69
N THR A 507 11.93 -30.04 -2.59
CA THR A 507 12.10 -31.42 -2.15
C THR A 507 10.86 -32.07 -1.52
N GLU A 508 10.10 -31.28 -0.78
CA GLU A 508 8.89 -31.77 -0.14
C GLU A 508 7.89 -32.24 -1.20
N PRO A 509 6.79 -32.88 -0.78
CA PRO A 509 5.79 -33.34 -1.74
C PRO A 509 5.06 -32.15 -2.37
N MET A 510 4.86 -32.23 -3.68
CA MET A 510 4.18 -31.18 -4.43
C MET A 510 2.98 -30.58 -3.72
N LYS A 511 2.89 -29.24 -3.78
CA LYS A 511 1.79 -28.49 -3.19
C LYS A 511 1.25 -27.61 -4.30
N VAL A 512 -0.06 -27.45 -4.38
CA VAL A 512 -0.62 -26.62 -5.42
C VAL A 512 -1.14 -25.34 -4.82
N HIS A 513 -0.63 -24.20 -5.28
CA HIS A 513 -1.12 -22.93 -4.75
C HIS A 513 -1.92 -22.15 -5.78
N GLN A 514 -2.29 -20.93 -5.42
CA GLN A 514 -3.03 -20.06 -6.30
C GLN A 514 -2.62 -18.59 -6.17
N ARG A 515 -2.77 -17.83 -7.25
CA ARG A 515 -2.48 -16.41 -7.26
C ARG A 515 -1.11 -16.03 -6.75
N LEU A 516 -0.06 -16.46 -7.45
CA LEU A 516 1.32 -16.19 -7.09
C LEU A 516 1.63 -14.68 -6.86
N ARG A 517 1.98 -14.33 -5.63
CA ARG A 517 2.28 -12.96 -5.24
C ARG A 517 1.33 -11.93 -5.83
N VAL A 518 0.02 -12.21 -5.71
CA VAL A 518 -0.99 -11.32 -6.24
C VAL A 518 -1.08 -9.97 -5.53
N GLN A 519 -0.81 -9.95 -4.23
CA GLN A 519 -0.89 -8.70 -3.52
C GLN A 519 0.14 -7.73 -4.07
N MET A 520 1.40 -8.13 -4.01
CA MET A 520 2.47 -7.28 -4.48
C MET A 520 2.36 -6.97 -5.96
N CYS A 521 2.05 -7.98 -6.76
CA CYS A 521 1.97 -7.77 -8.19
C CYS A 521 0.82 -6.88 -8.62
N VAL A 522 -0.23 -6.77 -7.83
CA VAL A 522 -1.29 -5.86 -8.20
C VAL A 522 -0.67 -4.48 -8.06
N PHE A 523 0.27 -4.35 -7.12
CA PHE A 523 0.99 -3.10 -6.91
C PHE A 523 1.91 -2.77 -8.10
N TRP A 524 2.82 -3.68 -8.39
CA TRP A 524 3.78 -3.46 -9.47
C TRP A 524 3.20 -3.41 -10.90
N ASN A 525 2.12 -4.16 -11.14
CA ASN A 525 1.53 -4.21 -12.47
C ASN A 525 0.38 -3.24 -12.70
N GLN A 526 -0.38 -2.93 -11.66
CA GLN A 526 -1.50 -2.02 -11.84
C GLN A 526 -1.40 -0.68 -11.13
N PHE A 527 -1.16 -0.69 -9.83
CA PHE A 527 -1.10 0.57 -9.12
C PHE A 527 0.02 1.51 -9.46
N LEU A 528 1.27 1.14 -9.16
CA LEU A 528 2.41 2.01 -9.41
C LEU A 528 2.51 2.52 -10.85
N PRO A 529 2.16 1.68 -11.83
CA PRO A 529 2.25 2.17 -13.19
C PRO A 529 1.31 3.35 -13.37
N LYS A 530 0.07 3.16 -12.96
CA LYS A 530 -0.94 4.20 -13.08
C LYS A 530 -0.51 5.45 -12.31
N LEU A 531 0.26 5.26 -11.25
CA LEU A 531 0.73 6.36 -10.42
C LEU A 531 1.82 7.17 -11.12
N LEU A 532 2.83 6.48 -11.62
CA LEU A 532 3.93 7.15 -12.30
C LEU A 532 3.41 7.80 -13.59
N ASN A 533 2.51 7.10 -14.27
CA ASN A 533 1.93 7.59 -15.51
C ASN A 533 1.24 8.93 -15.25
N ALA A 534 0.48 9.04 -14.16
CA ALA A 534 -0.21 10.29 -13.83
C ALA A 534 0.80 11.34 -13.41
N THR A 535 1.65 10.97 -12.44
CA THR A 535 2.65 11.88 -11.91
C THR A 535 4.03 11.58 -12.48
N SER B 4 -29.35 27.83 51.35
CA SER B 4 -29.69 26.46 50.98
C SER B 4 -28.76 25.96 49.90
N GLU B 5 -28.54 24.64 49.89
CA GLU B 5 -27.69 23.98 48.93
C GLU B 5 -28.15 24.18 47.50
N LEU B 6 -29.46 24.26 47.30
CA LEU B 6 -30.04 24.42 45.98
C LEU B 6 -30.18 25.83 45.43
N LEU B 7 -30.09 26.84 46.31
CA LEU B 7 -30.20 28.23 45.86
C LEU B 7 -28.80 28.86 45.79
N VAL B 8 -28.49 29.41 44.63
CA VAL B 8 -27.18 29.98 44.38
C VAL B 8 -27.23 31.35 43.73
N ASN B 9 -26.50 32.31 44.29
CA ASN B 9 -26.46 33.65 43.74
C ASN B 9 -25.37 33.67 42.70
N THR B 10 -25.74 33.66 41.43
CA THR B 10 -24.71 33.73 40.41
C THR B 10 -24.53 35.23 40.11
N LYS B 11 -23.54 35.55 39.30
CA LYS B 11 -23.28 36.95 38.94
C LYS B 11 -24.52 37.63 38.38
N SER B 12 -25.16 36.98 37.41
CA SER B 12 -26.34 37.53 36.77
C SER B 12 -27.71 37.27 37.42
N GLY B 13 -27.75 36.46 38.48
CA GLY B 13 -29.03 36.21 39.13
C GLY B 13 -29.10 34.94 39.95
N LYS B 14 -30.19 34.80 40.68
CA LYS B 14 -30.41 33.64 41.51
C LYS B 14 -30.89 32.43 40.72
N VAL B 15 -30.32 31.27 41.06
CA VAL B 15 -30.64 30.02 40.41
C VAL B 15 -31.09 29.02 41.47
N MET B 16 -32.19 28.34 41.21
CA MET B 16 -32.70 27.37 42.18
C MET B 16 -32.71 26.00 41.55
N GLY B 17 -31.76 25.15 41.95
CA GLY B 17 -31.64 23.81 41.42
C GLY B 17 -32.54 22.80 42.10
N THR B 18 -32.29 21.51 41.90
CA THR B 18 -33.14 20.48 42.50
C THR B 18 -32.35 19.29 43.01
N ARG B 19 -32.84 18.67 44.08
CA ARG B 19 -32.18 17.50 44.67
C ARG B 19 -32.60 16.21 43.95
N VAL B 20 -31.62 15.50 43.41
CA VAL B 20 -31.88 14.28 42.65
C VAL B 20 -31.19 13.05 43.25
N PRO B 21 -31.87 11.89 43.20
CA PRO B 21 -31.33 10.65 43.75
C PRO B 21 -30.25 10.08 42.81
N VAL B 22 -29.23 9.47 43.39
CA VAL B 22 -28.14 8.88 42.64
C VAL B 22 -27.69 7.66 43.37
N LEU B 23 -27.94 6.48 42.81
CA LEU B 23 -27.52 5.22 43.44
C LEU B 23 -27.78 5.26 44.95
N SER B 24 -29.05 5.30 45.33
CA SER B 24 -29.40 5.36 46.74
C SER B 24 -28.62 6.44 47.52
N SER B 25 -28.74 7.67 47.04
CA SER B 25 -28.10 8.84 47.64
C SER B 25 -28.69 10.04 46.93
N HIS B 26 -28.06 11.20 47.05
CA HIS B 26 -28.58 12.39 46.40
C HIS B 26 -27.47 13.36 46.09
N ILE B 27 -27.71 14.22 45.11
CA ILE B 27 -26.74 15.26 44.74
C ILE B 27 -27.57 16.39 44.17
N SER B 28 -26.99 17.58 44.05
CA SER B 28 -27.72 18.71 43.53
C SER B 28 -27.63 18.76 42.01
N ALA B 29 -28.68 19.29 41.38
CA ALA B 29 -28.71 19.42 39.93
C ALA B 29 -29.29 20.78 39.59
N PHE B 30 -28.60 21.50 38.72
CA PHE B 30 -29.04 22.82 38.27
C PHE B 30 -29.15 22.67 36.76
N LEU B 31 -30.38 22.54 36.30
CA LEU B 31 -30.68 22.33 34.89
C LEU B 31 -31.27 23.54 34.18
N GLY B 32 -30.92 23.71 32.92
CA GLY B 32 -31.44 24.82 32.15
C GLY B 32 -31.01 26.21 32.57
N ILE B 33 -29.79 26.39 33.06
CA ILE B 33 -29.33 27.71 33.43
C ILE B 33 -28.89 28.36 32.11
N PRO B 34 -29.38 29.56 31.80
CA PRO B 34 -29.01 30.24 30.55
C PRO B 34 -27.71 31.00 30.68
N PHE B 35 -26.83 30.84 29.69
CA PHE B 35 -25.56 31.54 29.70
C PHE B 35 -25.48 32.59 28.61
N ALA B 36 -26.59 32.80 27.90
CA ALA B 36 -26.58 33.77 26.81
C ALA B 36 -27.99 34.18 26.40
N GLU B 37 -28.11 35.29 25.69
CA GLU B 37 -29.42 35.74 25.20
C GLU B 37 -29.80 34.78 24.06
N PRO B 38 -31.11 34.47 23.94
CA PRO B 38 -31.66 33.58 22.90
C PRO B 38 -31.29 34.05 21.50
N PRO B 39 -30.45 33.29 20.77
CA PRO B 39 -30.01 33.62 19.41
C PRO B 39 -31.15 33.52 18.39
N VAL B 40 -32.17 34.34 18.60
CA VAL B 40 -33.34 34.31 17.74
C VAL B 40 -33.56 35.62 16.98
N GLY B 41 -34.46 35.57 16.02
CA GLY B 41 -34.80 36.76 15.24
C GLY B 41 -33.61 37.22 14.44
N ASN B 42 -33.34 38.51 14.48
CA ASN B 42 -32.22 39.06 13.73
C ASN B 42 -30.89 38.61 14.32
N MET B 43 -30.95 37.73 15.33
CA MET B 43 -29.74 37.21 15.97
C MET B 43 -29.33 35.86 15.39
N ARG B 44 -30.24 35.24 14.63
CA ARG B 44 -29.92 33.95 14.02
C ARG B 44 -28.64 34.15 13.19
N PHE B 45 -27.69 33.24 13.36
CA PHE B 45 -26.41 33.26 12.66
C PHE B 45 -25.33 34.16 13.29
N ARG B 46 -25.73 35.01 14.25
CA ARG B 46 -24.79 35.93 14.86
C ARG B 46 -24.09 35.41 16.11
N ARG B 47 -22.96 36.03 16.44
CA ARG B 47 -22.15 35.68 17.60
C ARG B 47 -23.06 35.73 18.82
N PRO B 48 -22.86 34.82 19.78
CA PRO B 48 -23.71 34.83 20.96
C PRO B 48 -23.56 36.10 21.77
N GLU B 49 -24.63 36.46 22.46
CA GLU B 49 -24.67 37.64 23.30
C GLU B 49 -24.82 37.14 24.73
N PRO B 50 -24.23 37.85 25.69
CA PRO B 50 -24.35 37.40 27.09
C PRO B 50 -25.76 37.59 27.67
N LYS B 51 -26.21 36.59 28.41
CA LYS B 51 -27.52 36.64 29.02
C LYS B 51 -27.53 37.85 29.93
N LYS B 52 -28.57 38.69 29.85
CA LYS B 52 -28.62 39.83 30.76
C LYS B 52 -29.28 39.38 32.06
N PRO B 53 -28.85 39.96 33.19
CA PRO B 53 -29.35 39.64 34.53
C PRO B 53 -30.87 39.58 34.64
N TRP B 54 -31.33 38.78 35.59
CA TRP B 54 -32.76 38.64 35.81
C TRP B 54 -33.05 38.81 37.28
N SER B 55 -34.28 39.18 37.58
CA SER B 55 -34.73 39.35 38.97
C SER B 55 -35.37 38.03 39.35
N GLY B 56 -35.69 37.87 40.63
CA GLY B 56 -36.33 36.65 41.06
C GLY B 56 -35.45 35.42 41.03
N VAL B 57 -36.07 34.25 41.09
CA VAL B 57 -35.32 33.01 41.07
C VAL B 57 -35.54 32.21 39.77
N TRP B 58 -34.45 31.85 39.10
CA TRP B 58 -34.55 31.08 37.86
C TRP B 58 -34.74 29.64 38.20
N ASN B 59 -35.87 29.08 37.77
CA ASN B 59 -36.19 27.68 38.02
C ASN B 59 -35.23 26.81 37.19
N ALA B 60 -34.31 26.15 37.87
CA ALA B 60 -33.36 25.31 37.16
C ALA B 60 -33.58 23.86 37.57
N SER B 61 -34.83 23.45 37.67
CA SER B 61 -35.13 22.08 38.07
C SER B 61 -35.48 21.17 36.91
N THR B 62 -35.37 21.68 35.69
CA THR B 62 -35.67 20.88 34.50
C THR B 62 -34.76 21.17 33.30
N TYR B 63 -34.51 20.14 32.50
CA TYR B 63 -33.68 20.31 31.30
C TYR B 63 -34.30 21.37 30.41
N PRO B 64 -33.46 22.04 29.60
CA PRO B 64 -33.88 23.09 28.67
C PRO B 64 -34.25 22.46 27.34
N ASN B 65 -34.49 23.31 26.33
CA ASN B 65 -34.82 22.84 25.00
C ASN B 65 -33.53 22.38 24.31
N ASN B 66 -33.66 21.60 23.25
CA ASN B 66 -32.48 21.16 22.52
C ASN B 66 -32.50 22.11 21.34
N CYS B 67 -31.35 22.41 20.75
CA CYS B 67 -31.34 23.30 19.61
C CYS B 67 -31.88 22.62 18.33
N GLN B 68 -32.41 23.43 17.43
CA GLN B 68 -32.94 22.97 16.16
C GLN B 68 -31.93 22.12 15.42
N GLN B 69 -32.38 20.96 14.93
CA GLN B 69 -31.48 20.06 14.25
C GLN B 69 -32.23 19.01 13.45
N TYR B 70 -31.49 18.38 12.55
CA TYR B 70 -32.01 17.32 11.72
C TYR B 70 -32.30 16.09 12.57
N VAL B 71 -33.55 15.80 12.85
CA VAL B 71 -33.87 14.64 13.65
C VAL B 71 -33.75 13.40 12.80
N ASP B 72 -33.08 12.38 13.33
CA ASP B 72 -32.88 11.11 12.61
C ASP B 72 -34.11 10.20 12.66
N GLU B 73 -34.49 9.67 11.50
CA GLU B 73 -35.66 8.81 11.40
C GLU B 73 -35.41 7.52 10.63
N GLN B 74 -34.18 7.03 10.66
CA GLN B 74 -33.84 5.80 9.95
C GLN B 74 -34.50 4.59 10.58
N PHE B 75 -34.52 4.56 11.90
CA PHE B 75 -35.09 3.43 12.62
C PHE B 75 -36.02 3.93 13.71
N PRO B 76 -37.20 4.44 13.33
CA PRO B 76 -38.17 4.96 14.31
C PRO B 76 -38.43 3.97 15.46
N GLY B 77 -38.44 4.48 16.68
CA GLY B 77 -38.68 3.63 17.83
C GLY B 77 -37.49 2.79 18.29
N PHE B 78 -36.45 2.66 17.46
CA PHE B 78 -35.31 1.86 17.86
C PHE B 78 -34.47 2.68 18.82
N SER B 79 -34.27 2.16 20.03
CA SER B 79 -33.51 2.84 21.07
C SER B 79 -32.07 3.19 20.69
N GLY B 80 -31.44 2.32 19.91
CA GLY B 80 -30.07 2.55 19.50
C GLY B 80 -29.84 3.85 18.73
N SER B 81 -30.83 4.27 17.96
CA SER B 81 -30.73 5.47 17.15
C SER B 81 -31.39 6.68 17.78
N GLU B 82 -32.49 6.44 18.51
CA GLU B 82 -33.25 7.52 19.13
C GLU B 82 -32.73 8.05 20.45
N MET B 83 -31.81 7.32 21.08
CA MET B 83 -31.25 7.79 22.33
C MET B 83 -30.39 9.00 22.02
N TRP B 84 -30.04 9.18 20.75
CA TRP B 84 -29.20 10.31 20.29
C TRP B 84 -30.00 11.50 19.77
N ASN B 85 -31.30 11.32 19.55
CA ASN B 85 -32.19 12.38 19.04
C ASN B 85 -32.64 13.32 20.17
N PRO B 86 -33.08 14.53 19.81
CA PRO B 86 -33.54 15.48 20.82
C PRO B 86 -34.68 14.89 21.67
N ASN B 87 -34.52 14.87 22.98
CA ASN B 87 -35.53 14.33 23.89
C ASN B 87 -36.30 15.46 24.54
N ARG B 88 -36.20 16.67 23.98
CA ARG B 88 -36.93 17.85 24.48
C ARG B 88 -37.43 18.64 23.28
N GLU B 89 -38.10 19.76 23.51
CA GLU B 89 -38.57 20.54 22.38
C GLU B 89 -37.39 21.23 21.69
N MET B 90 -37.32 21.14 20.37
CA MET B 90 -36.25 21.83 19.66
C MET B 90 -36.63 23.29 19.47
N SER B 91 -35.82 24.20 20.01
CA SER B 91 -36.10 25.62 19.86
C SER B 91 -34.84 26.38 19.57
N GLU B 92 -34.97 27.53 18.92
CA GLU B 92 -33.78 28.33 18.67
C GLU B 92 -33.33 28.93 20.02
N ASP B 93 -34.24 29.00 20.99
CA ASP B 93 -33.92 29.48 22.34
C ASP B 93 -33.40 28.21 23.02
N CYS B 94 -32.10 27.98 22.93
CA CYS B 94 -31.54 26.74 23.45
C CYS B 94 -30.17 26.84 24.10
N LEU B 95 -29.65 28.06 24.24
CA LEU B 95 -28.34 28.21 24.84
C LEU B 95 -28.36 28.11 26.35
N TYR B 96 -28.30 26.88 26.82
CA TYR B 96 -28.33 26.62 28.26
C TYR B 96 -27.29 25.61 28.63
N LEU B 97 -26.97 25.56 29.92
CA LEU B 97 -26.01 24.58 30.41
C LEU B 97 -26.59 24.00 31.70
N ASN B 98 -26.16 22.80 32.07
CA ASN B 98 -26.59 22.09 33.28
C ASN B 98 -25.40 21.77 34.19
N ILE B 99 -25.63 21.74 35.49
CA ILE B 99 -24.55 21.44 36.41
C ILE B 99 -25.00 20.46 37.50
N TRP B 100 -24.17 19.45 37.75
CA TRP B 100 -24.44 18.48 38.81
C TRP B 100 -23.36 18.71 39.85
N VAL B 101 -23.79 19.07 41.05
CA VAL B 101 -22.92 19.37 42.18
C VAL B 101 -23.11 18.33 43.30
N PRO B 102 -22.04 17.61 43.68
CA PRO B 102 -22.18 16.60 44.75
C PRO B 102 -22.83 17.19 46.00
N SER B 103 -23.57 16.37 46.77
CA SER B 103 -24.29 16.90 47.92
C SER B 103 -23.41 17.68 48.82
N PRO B 104 -23.03 17.22 50.02
CA PRO B 104 -22.19 18.26 50.64
C PRO B 104 -21.43 19.00 49.53
N ARG B 105 -21.85 20.25 49.27
CA ARG B 105 -21.25 21.05 48.23
C ARG B 105 -19.78 21.12 48.46
N PRO B 106 -18.98 20.73 47.46
CA PRO B 106 -17.51 20.75 47.56
C PRO B 106 -17.03 22.18 47.77
N LYS B 107 -15.91 22.33 48.46
CA LYS B 107 -15.38 23.65 48.75
C LYS B 107 -14.87 24.36 47.49
N SER B 108 -14.05 23.69 46.71
CA SER B 108 -13.52 24.31 45.48
C SER B 108 -12.90 23.18 44.69
N THR B 109 -13.76 22.27 44.23
CA THR B 109 -13.30 21.10 43.53
C THR B 109 -13.21 21.15 41.99
N THR B 110 -12.66 20.06 41.45
CA THR B 110 -12.45 19.88 40.02
C THR B 110 -13.75 19.99 39.23
N VAL B 111 -13.65 20.60 38.06
CA VAL B 111 -14.77 20.82 37.16
C VAL B 111 -14.51 20.16 35.81
N MET B 112 -15.53 19.53 35.25
CA MET B 112 -15.40 18.88 33.94
C MET B 112 -16.58 19.36 33.14
N VAL B 113 -16.30 19.93 31.98
CA VAL B 113 -17.36 20.44 31.13
C VAL B 113 -17.49 19.53 29.94
N TRP B 114 -18.68 18.99 29.76
CA TRP B 114 -18.95 18.08 28.67
C TRP B 114 -19.48 18.81 27.42
N ILE B 115 -18.89 18.50 26.26
CA ILE B 115 -19.28 19.12 24.99
C ILE B 115 -19.82 18.03 24.05
N TYR B 116 -21.14 17.92 23.92
CA TYR B 116 -21.72 16.87 23.07
C TYR B 116 -21.28 17.00 21.62
N GLY B 117 -21.25 15.86 20.94
CA GLY B 117 -20.85 15.82 19.55
C GLY B 117 -22.03 15.41 18.69
N GLY B 118 -21.81 15.30 17.39
CA GLY B 118 -22.88 14.95 16.50
C GLY B 118 -22.66 15.68 15.20
N GLY B 119 -21.45 15.54 14.67
CA GLY B 119 -21.07 16.16 13.41
C GLY B 119 -21.28 17.65 13.22
N PHE B 120 -21.47 18.36 14.32
CA PHE B 120 -21.72 19.79 14.25
C PHE B 120 -23.11 20.09 13.68
N TYR B 121 -23.88 19.04 13.35
CA TYR B 121 -25.23 19.23 12.81
C TYR B 121 -26.31 18.90 13.85
N SER B 122 -25.98 18.01 14.78
CA SER B 122 -26.93 17.62 15.83
C SER B 122 -26.24 17.46 17.18
N GLY B 123 -27.04 17.09 18.16
CA GLY B 123 -26.52 16.92 19.51
C GLY B 123 -27.39 17.65 20.53
N SER B 124 -27.40 17.12 21.75
CA SER B 124 -28.18 17.69 22.84
C SER B 124 -27.39 17.42 24.12
N SER B 125 -27.56 18.29 25.11
CA SER B 125 -26.87 18.17 26.37
C SER B 125 -27.72 17.34 27.31
N THR B 126 -28.97 17.19 26.92
CA THR B 126 -29.97 16.51 27.72
C THR B 126 -30.20 15.01 27.57
N LEU B 127 -29.48 14.34 26.66
CA LEU B 127 -29.65 12.89 26.41
C LEU B 127 -29.42 12.06 27.69
N ASP B 128 -30.07 10.91 27.79
CA ASP B 128 -29.90 10.06 28.97
C ASP B 128 -28.46 9.69 29.22
N VAL B 129 -27.71 9.37 28.18
CA VAL B 129 -26.29 9.01 28.36
C VAL B 129 -25.42 10.13 28.90
N TYR B 130 -25.90 11.37 28.89
CA TYR B 130 -25.10 12.47 29.41
C TYR B 130 -25.61 12.89 30.77
N ASN B 131 -26.39 12.03 31.41
CA ASN B 131 -26.87 12.36 32.75
C ASN B 131 -25.59 12.43 33.58
N GLY B 132 -25.26 13.60 34.11
CA GLY B 132 -24.01 13.71 34.83
C GLY B 132 -23.94 13.35 36.30
N LYS B 133 -25.02 12.85 36.86
CA LYS B 133 -25.05 12.50 38.28
C LYS B 133 -24.11 11.38 38.70
N TYR B 134 -24.06 10.30 37.97
CA TYR B 134 -23.19 9.19 38.34
C TYR B 134 -21.71 9.59 38.47
N LEU B 135 -21.21 10.33 37.48
CA LEU B 135 -19.83 10.78 37.48
C LEU B 135 -19.61 11.86 38.53
N ALA B 136 -20.56 12.78 38.67
CA ALA B 136 -20.45 13.87 39.65
C ALA B 136 -20.45 13.32 41.06
N TYR B 137 -21.35 12.38 41.30
CA TYR B 137 -21.47 11.77 42.61
C TYR B 137 -20.28 10.86 42.95
N THR B 138 -20.02 9.91 42.05
CA THR B 138 -18.98 8.91 42.20
C THR B 138 -17.59 9.48 42.31
N GLU B 139 -17.22 10.37 41.39
CA GLU B 139 -15.88 10.95 41.38
C GLU B 139 -15.73 12.26 42.14
N GLU B 140 -16.83 12.77 42.68
CA GLU B 140 -16.78 13.98 43.48
C GLU B 140 -16.31 15.20 42.69
N VAL B 141 -16.88 15.39 41.50
CA VAL B 141 -16.53 16.54 40.67
C VAL B 141 -17.79 17.30 40.30
N VAL B 142 -17.63 18.57 39.97
CA VAL B 142 -18.75 19.39 39.56
C VAL B 142 -18.82 19.21 38.04
N LEU B 143 -19.85 18.52 37.59
CA LEU B 143 -20.02 18.22 36.17
C LEU B 143 -20.96 19.19 35.43
N VAL B 144 -20.44 19.78 34.36
CA VAL B 144 -21.20 20.73 33.56
C VAL B 144 -21.37 20.23 32.13
N SER B 145 -22.55 20.41 31.56
CA SER B 145 -22.76 20.03 30.18
C SER B 145 -23.35 21.30 29.57
N LEU B 146 -22.75 21.77 28.49
CA LEU B 146 -23.19 22.98 27.82
C LEU B 146 -23.94 22.65 26.53
N SER B 147 -24.33 23.68 25.80
CA SER B 147 -25.02 23.48 24.53
C SER B 147 -24.57 24.55 23.56
N TYR B 148 -24.59 24.23 22.27
CA TYR B 148 -24.18 25.17 21.23
C TYR B 148 -25.03 25.00 19.96
N ARG B 149 -25.30 26.10 19.27
CA ARG B 149 -26.10 26.08 18.05
C ARG B 149 -25.42 25.17 17.03
N VAL B 150 -26.22 24.34 16.36
CA VAL B 150 -25.67 23.41 15.37
C VAL B 150 -26.19 23.67 13.96
N GLY B 151 -25.60 22.98 12.99
CA GLY B 151 -25.98 23.12 11.60
C GLY B 151 -25.78 24.52 11.06
N ALA B 152 -26.77 25.02 10.33
CA ALA B 152 -26.72 26.35 9.75
C ALA B 152 -26.90 27.43 10.79
N PHE B 153 -27.61 27.12 11.87
CA PHE B 153 -27.85 28.09 12.91
C PHE B 153 -26.57 28.48 13.60
N GLY B 154 -25.71 27.48 13.85
CA GLY B 154 -24.45 27.76 14.50
C GLY B 154 -23.25 27.81 13.56
N PHE B 155 -23.41 27.40 12.31
CA PHE B 155 -22.28 27.41 11.43
C PHE B 155 -22.33 28.00 10.03
N LEU B 156 -23.45 28.62 9.63
CA LEU B 156 -23.49 29.25 8.31
C LEU B 156 -22.33 30.28 8.34
N ALA B 157 -21.46 30.19 7.34
CA ALA B 157 -20.30 31.06 7.28
C ALA B 157 -20.16 31.96 6.03
N LEU B 158 -20.52 33.23 6.14
CA LEU B 158 -20.34 34.15 5.01
C LEU B 158 -19.24 35.11 5.44
N HIS B 159 -18.02 34.58 5.46
CA HIS B 159 -16.82 35.31 5.88
C HIS B 159 -16.73 36.72 5.33
N GLY B 160 -16.76 37.69 6.24
CA GLY B 160 -16.69 39.08 5.87
C GLY B 160 -17.92 39.77 6.40
N SER B 161 -18.98 38.98 6.57
CA SER B 161 -20.24 39.51 7.09
C SER B 161 -20.23 39.45 8.60
N GLN B 162 -20.76 40.47 9.25
CA GLN B 162 -20.79 40.44 10.71
C GLN B 162 -22.12 39.86 11.18
N GLU B 163 -22.97 39.51 10.21
CA GLU B 163 -24.27 38.95 10.52
C GLU B 163 -24.17 37.43 10.53
N ALA B 164 -23.31 36.90 9.66
CA ALA B 164 -23.11 35.46 9.55
C ALA B 164 -21.62 35.19 9.35
N PRO B 165 -20.80 35.53 10.36
CA PRO B 165 -19.34 35.33 10.30
C PRO B 165 -18.88 33.87 10.30
N GLY B 166 -19.69 33.02 10.89
CA GLY B 166 -19.33 31.61 10.97
C GLY B 166 -18.73 31.33 12.33
N ASN B 167 -18.65 30.05 12.67
CA ASN B 167 -18.08 29.62 13.93
C ASN B 167 -18.82 30.15 15.16
N VAL B 168 -20.05 30.59 14.99
CA VAL B 168 -20.79 31.11 16.14
C VAL B 168 -21.17 29.99 17.11
N GLY B 169 -21.25 28.77 16.60
CA GLY B 169 -21.55 27.64 17.45
C GLY B 169 -20.38 27.41 18.39
N LEU B 170 -19.15 27.57 17.85
CA LEU B 170 -17.95 27.42 18.65
C LEU B 170 -17.88 28.56 19.67
N LEU B 171 -18.40 29.73 19.30
CA LEU B 171 -18.41 30.87 20.19
C LEU B 171 -19.43 30.65 21.31
N ASP B 172 -20.49 29.88 21.02
CA ASP B 172 -21.49 29.60 22.06
C ASP B 172 -20.81 28.79 23.14
N GLN B 173 -20.00 27.84 22.70
CA GLN B 173 -19.28 26.96 23.60
C GLN B 173 -18.35 27.78 24.45
N ARG B 174 -17.67 28.71 23.81
CA ARG B 174 -16.73 29.57 24.51
C ARG B 174 -17.45 30.39 25.56
N MET B 175 -18.65 30.87 25.24
CA MET B 175 -19.39 31.68 26.19
C MET B 175 -19.81 30.89 27.43
N ALA B 176 -20.26 29.65 27.24
CA ALA B 176 -20.64 28.84 28.40
C ALA B 176 -19.38 28.58 29.20
N LEU B 177 -18.24 28.42 28.52
CA LEU B 177 -16.99 28.18 29.23
C LEU B 177 -16.63 29.41 30.06
N GLN B 178 -16.99 30.59 29.54
CA GLN B 178 -16.73 31.84 30.21
C GLN B 178 -17.66 31.86 31.41
N TRP B 179 -18.91 31.48 31.18
CA TRP B 179 -19.92 31.46 32.25
C TRP B 179 -19.44 30.57 33.40
N VAL B 180 -18.85 29.42 33.03
CA VAL B 180 -18.32 28.48 34.02
C VAL B 180 -17.17 29.16 34.79
N HIS B 181 -16.38 29.95 34.07
CA HIS B 181 -15.25 30.67 34.64
C HIS B 181 -15.74 31.77 35.58
N ASP B 182 -16.84 32.42 35.23
CA ASP B 182 -17.38 33.50 36.06
C ASP B 182 -18.32 33.07 37.19
N ASN B 183 -18.88 31.86 37.13
CA ASN B 183 -19.82 31.45 38.15
C ASN B 183 -19.60 30.10 38.84
N ILE B 184 -18.84 29.20 38.23
CA ILE B 184 -18.69 27.88 38.81
C ILE B 184 -18.21 27.97 40.25
N GLN B 185 -17.51 29.05 40.61
CA GLN B 185 -17.01 29.16 41.98
C GLN B 185 -18.13 29.20 43.01
N PHE B 186 -19.34 29.60 42.58
CA PHE B 186 -20.49 29.68 43.49
C PHE B 186 -21.16 28.32 43.64
N PHE B 187 -20.70 27.33 42.87
CA PHE B 187 -21.24 25.98 42.95
C PHE B 187 -20.19 25.04 43.58
N GLY B 188 -19.05 25.59 43.97
CA GLY B 188 -18.03 24.76 44.58
C GLY B 188 -17.01 24.30 43.58
N GLY B 189 -17.10 24.84 42.36
CA GLY B 189 -16.16 24.48 41.33
C GLY B 189 -14.97 25.41 41.38
N ASP B 190 -13.82 24.92 40.92
CA ASP B 190 -12.60 25.70 40.89
C ASP B 190 -12.34 26.11 39.45
N PRO B 191 -12.58 27.37 39.12
CA PRO B 191 -12.35 27.77 37.74
C PRO B 191 -10.90 27.67 37.18
N LYS B 192 -9.95 27.34 38.04
CA LYS B 192 -8.56 27.20 37.59
C LYS B 192 -8.26 25.73 37.32
N THR B 193 -9.26 24.88 37.55
CA THR B 193 -9.08 23.46 37.35
C THR B 193 -10.25 22.87 36.59
N VAL B 194 -10.50 23.37 35.39
CA VAL B 194 -11.61 22.81 34.64
C VAL B 194 -11.09 22.06 33.44
N THR B 195 -11.71 20.91 33.18
CA THR B 195 -11.39 20.08 32.05
C THR B 195 -12.60 20.07 31.13
N ILE B 196 -12.36 20.40 29.87
CA ILE B 196 -13.42 20.34 28.87
C ILE B 196 -13.20 18.99 28.18
N PHE B 197 -14.27 18.20 28.09
CA PHE B 197 -14.19 16.90 27.43
C PHE B 197 -15.39 16.73 26.55
N GLY B 198 -15.20 16.08 25.41
CA GLY B 198 -16.29 15.88 24.48
C GLY B 198 -16.03 14.74 23.52
N GLU B 199 -17.06 14.27 22.85
CA GLU B 199 -16.94 13.19 21.92
C GLU B 199 -17.34 13.63 20.52
N SER B 200 -16.66 13.09 19.52
CA SER B 200 -16.89 13.39 18.11
C SER B 200 -16.75 14.88 17.82
N ALA B 201 -17.79 15.53 17.30
CA ALA B 201 -17.68 16.96 17.03
C ALA B 201 -17.31 17.63 18.33
N GLY B 202 -17.64 16.97 19.43
CA GLY B 202 -17.33 17.48 20.75
C GLY B 202 -15.85 17.25 21.03
N GLY B 203 -15.30 16.23 20.39
CA GLY B 203 -13.89 15.95 20.57
C GLY B 203 -13.06 16.90 19.72
N ALA B 204 -13.60 17.28 18.57
CA ALA B 204 -12.93 18.20 17.66
C ALA B 204 -13.01 19.60 18.24
N SER B 205 -14.16 19.92 18.82
CA SER B 205 -14.38 21.22 19.40
C SER B 205 -13.36 21.46 20.49
N VAL B 206 -13.14 20.46 21.34
CA VAL B 206 -12.17 20.59 22.42
C VAL B 206 -10.80 20.94 21.84
N GLY B 207 -10.37 20.20 20.82
CA GLY B 207 -9.09 20.47 20.23
C GLY B 207 -9.06 21.87 19.63
N MET B 208 -10.19 22.31 19.06
CA MET B 208 -10.24 23.63 18.49
C MET B 208 -10.12 24.73 19.55
N HIS B 209 -10.51 24.45 20.78
CA HIS B 209 -10.36 25.44 21.83
C HIS B 209 -8.91 25.47 22.29
N ILE B 210 -8.23 24.33 22.17
CA ILE B 210 -6.84 24.24 22.56
C ILE B 210 -6.02 25.09 21.54
N LEU B 211 -6.57 25.25 20.34
CA LEU B 211 -5.90 26.03 19.29
C LEU B 211 -6.32 27.49 19.27
N SER B 212 -7.57 27.79 19.60
CA SER B 212 -8.04 29.15 19.54
C SER B 212 -7.65 30.02 20.74
N PRO B 213 -6.85 31.07 20.51
CA PRO B 213 -6.41 31.99 21.55
C PRO B 213 -7.50 32.49 22.50
N GLY B 214 -8.64 32.86 21.93
CA GLY B 214 -9.73 33.36 22.74
C GLY B 214 -10.41 32.36 23.66
N SER B 215 -10.05 31.08 23.53
CA SER B 215 -10.67 30.07 24.37
C SER B 215 -9.71 29.52 25.41
N ARG B 216 -8.42 29.54 25.05
CA ARG B 216 -7.35 29.00 25.87
C ARG B 216 -7.35 29.16 27.37
N ASP B 217 -7.59 30.37 27.85
CA ASP B 217 -7.55 30.61 29.29
C ASP B 217 -8.84 30.33 30.05
N LEU B 218 -9.81 29.71 29.37
CA LEU B 218 -11.09 29.39 30.04
C LEU B 218 -11.15 27.97 30.57
N PHE B 219 -10.07 27.20 30.35
CA PHE B 219 -10.03 25.84 30.85
C PHE B 219 -8.59 25.45 31.14
N ARG B 220 -8.43 24.44 32.01
CA ARG B 220 -7.12 23.96 32.42
C ARG B 220 -6.55 22.80 31.58
N ARG B 221 -7.35 21.75 31.43
CA ARG B 221 -6.94 20.53 30.72
C ARG B 221 -7.97 20.11 29.69
N ALA B 222 -7.65 19.09 28.90
CA ALA B 222 -8.58 18.64 27.86
C ALA B 222 -8.66 17.13 27.64
N ILE B 223 -9.88 16.65 27.35
CA ILE B 223 -10.12 15.23 27.04
C ILE B 223 -10.88 15.15 25.72
N LEU B 224 -10.33 14.43 24.75
CA LEU B 224 -10.98 14.29 23.45
C LEU B 224 -11.34 12.85 23.15
N GLN B 225 -12.63 12.59 22.89
CA GLN B 225 -13.05 11.22 22.60
C GLN B 225 -13.56 11.07 21.18
N SER B 226 -12.92 10.22 20.40
CA SER B 226 -13.36 9.97 19.04
C SER B 226 -13.56 11.24 18.23
N GLY B 227 -12.66 12.19 18.38
CA GLY B 227 -12.78 13.44 17.64
C GLY B 227 -11.47 14.18 17.72
N SER B 228 -11.22 15.07 16.77
CA SER B 228 -9.94 15.79 16.73
C SER B 228 -10.16 17.04 15.87
N PRO B 229 -9.48 18.16 16.19
CA PRO B 229 -9.63 19.40 15.43
C PRO B 229 -9.38 19.29 13.94
N ASN B 230 -8.42 18.45 13.56
CA ASN B 230 -8.03 18.27 12.15
C ASN B 230 -8.83 17.21 11.38
N CYS B 231 -9.92 16.70 11.95
CA CYS B 231 -10.71 15.68 11.24
C CYS B 231 -11.20 16.23 9.89
N PRO B 232 -11.07 15.43 8.83
CA PRO B 232 -11.51 15.86 7.50
C PRO B 232 -12.90 16.45 7.42
N TRP B 233 -13.75 16.11 8.39
CA TRP B 233 -15.13 16.57 8.41
C TRP B 233 -15.42 17.69 9.40
N ALA B 234 -14.43 18.05 10.20
CA ALA B 234 -14.64 19.07 11.24
C ALA B 234 -14.43 20.52 10.85
N SER B 235 -14.11 20.79 9.59
CA SER B 235 -13.90 22.17 9.19
C SER B 235 -13.78 22.40 7.69
N VAL B 236 -14.16 23.61 7.25
CA VAL B 236 -14.06 23.95 5.84
C VAL B 236 -13.28 25.26 5.65
N SER B 237 -12.85 25.53 4.41
CA SER B 237 -12.14 26.76 4.11
C SER B 237 -13.23 27.82 4.05
N VAL B 238 -12.88 29.09 4.19
CA VAL B 238 -13.88 30.15 4.14
C VAL B 238 -14.58 30.18 2.77
N ALA B 239 -13.87 29.77 1.73
CA ALA B 239 -14.46 29.75 0.41
C ALA B 239 -15.61 28.74 0.42
N GLU B 240 -15.29 27.49 0.75
CA GLU B 240 -16.30 26.43 0.81
C GLU B 240 -17.44 26.83 1.71
N GLY B 241 -17.11 27.54 2.79
CA GLY B 241 -18.13 27.97 3.73
C GLY B 241 -19.11 28.94 3.08
N ARG B 242 -18.56 29.87 2.31
CA ARG B 242 -19.37 30.86 1.61
C ARG B 242 -20.18 30.13 0.54
N ARG B 243 -19.50 29.28 -0.23
CA ARG B 243 -20.17 28.53 -1.27
C ARG B 243 -21.46 27.86 -0.76
N ARG B 244 -21.34 27.11 0.35
CA ARG B 244 -22.49 26.41 0.93
C ARG B 244 -23.56 27.36 1.41
N ALA B 245 -23.15 28.48 1.99
CA ALA B 245 -24.13 29.44 2.48
C ALA B 245 -24.98 29.96 1.34
N VAL B 246 -24.36 30.17 0.17
N VAL B 246 -24.36 30.18 0.18
CA VAL B 246 -25.06 30.66 -1.01
CA VAL B 246 -25.07 30.67 -1.00
C VAL B 246 -25.94 29.56 -1.60
C VAL B 246 -25.95 29.56 -1.59
N GLU B 247 -25.46 28.32 -1.53
CA GLU B 247 -26.23 27.20 -2.05
C GLU B 247 -27.45 26.93 -1.17
N LEU B 248 -27.34 27.22 0.12
CA LEU B 248 -28.47 27.03 1.03
C LEU B 248 -29.54 28.03 0.62
N GLY B 249 -29.08 29.23 0.27
CA GLY B 249 -29.97 30.30 -0.16
C GLY B 249 -30.56 30.03 -1.54
N ARG B 250 -29.80 29.37 -2.41
CA ARG B 250 -30.32 29.05 -3.72
C ARG B 250 -31.48 28.05 -3.51
N ASN B 251 -31.20 27.02 -2.71
CA ASN B 251 -32.16 25.97 -2.35
C ASN B 251 -33.44 26.54 -1.70
N LEU B 252 -33.42 27.80 -1.30
CA LEU B 252 -34.60 28.37 -0.67
C LEU B 252 -35.21 29.55 -1.43
N ASN B 253 -34.84 29.69 -2.70
CA ASN B 253 -35.36 30.79 -3.51
C ASN B 253 -34.99 32.13 -2.90
N CYS B 254 -33.82 32.18 -2.27
CA CYS B 254 -33.35 33.39 -1.63
C CYS B 254 -32.74 34.36 -2.59
N ASN B 255 -32.93 35.65 -2.30
CA ASN B 255 -32.31 36.68 -3.11
C ASN B 255 -30.82 36.56 -2.83
N LEU B 256 -30.03 36.34 -3.88
CA LEU B 256 -28.60 36.16 -3.74
C LEU B 256 -27.77 37.39 -4.13
N ASN B 257 -28.38 38.58 -4.11
CA ASN B 257 -27.67 39.82 -4.46
C ASN B 257 -26.41 40.03 -3.62
N SER B 258 -26.60 40.25 -2.31
CA SER B 258 -25.49 40.49 -1.39
C SER B 258 -25.64 39.64 -0.12
N ASP B 259 -24.55 39.49 0.63
CA ASP B 259 -24.59 38.71 1.85
C ASP B 259 -25.74 39.20 2.72
N GLU B 260 -25.98 40.50 2.71
CA GLU B 260 -27.05 41.06 3.52
C GLU B 260 -28.41 40.52 3.11
N GLU B 261 -28.62 40.36 1.81
CA GLU B 261 -29.90 39.86 1.35
C GLU B 261 -30.07 38.36 1.56
N LEU B 262 -28.99 37.62 1.34
CA LEU B 262 -29.02 36.17 1.55
C LEU B 262 -29.35 35.88 3.00
N ILE B 263 -28.78 36.68 3.89
CA ILE B 263 -28.99 36.49 5.31
C ILE B 263 -30.39 36.91 5.76
N HIS B 264 -30.89 38.02 5.23
CA HIS B 264 -32.24 38.51 5.60
C HIS B 264 -33.30 37.47 5.19
N CYS B 265 -33.03 36.80 4.08
CA CYS B 265 -33.90 35.77 3.55
C CYS B 265 -33.90 34.59 4.51
N LEU B 266 -32.73 33.97 4.68
CA LEU B 266 -32.56 32.82 5.56
C LEU B 266 -33.13 33.06 6.94
N ARG B 267 -33.00 34.29 7.43
CA ARG B 267 -33.49 34.60 8.76
C ARG B 267 -35.00 34.54 8.89
N GLU B 268 -35.70 34.62 7.77
CA GLU B 268 -37.16 34.57 7.78
C GLU B 268 -37.71 33.15 7.66
N LYS B 269 -36.96 32.26 7.04
CA LYS B 269 -37.40 30.88 6.91
C LYS B 269 -37.61 30.24 8.28
N LYS B 270 -38.61 29.37 8.39
CA LYS B 270 -38.84 28.66 9.65
C LYS B 270 -37.67 27.63 9.80
N PRO B 271 -37.18 27.42 11.02
CA PRO B 271 -36.07 26.49 11.29
C PRO B 271 -36.06 25.22 10.42
N GLN B 272 -37.17 24.48 10.46
CA GLN B 272 -37.29 23.25 9.70
C GLN B 272 -37.05 23.45 8.21
N GLU B 273 -37.36 24.64 7.71
CA GLU B 273 -37.17 24.92 6.31
C GLU B 273 -35.69 24.83 5.93
N LEU B 274 -34.84 25.26 6.86
CA LEU B 274 -33.39 25.23 6.64
C LEU B 274 -32.86 23.81 6.80
N ILE B 275 -33.42 23.10 7.78
CA ILE B 275 -32.98 21.74 8.05
C ILE B 275 -33.32 20.84 6.86
N ASP B 276 -34.54 20.97 6.34
CA ASP B 276 -34.94 20.15 5.20
C ASP B 276 -34.03 20.24 3.99
N VAL B 277 -33.28 21.34 3.86
CA VAL B 277 -32.38 21.47 2.72
C VAL B 277 -30.92 21.42 3.11
N GLU B 278 -30.65 21.27 4.41
CA GLU B 278 -29.30 21.23 4.93
C GLU B 278 -28.30 20.39 4.17
N TRP B 279 -28.59 19.11 3.98
CA TRP B 279 -27.65 18.23 3.28
C TRP B 279 -27.49 18.50 1.77
N ASN B 280 -28.35 19.36 1.24
CA ASN B 280 -28.32 19.69 -0.19
C ASN B 280 -27.07 20.45 -0.63
N VAL B 281 -26.45 21.17 0.29
CA VAL B 281 -25.28 21.95 -0.02
C VAL B 281 -23.92 21.21 -0.07
N LEU B 282 -23.87 19.93 0.33
CA LEU B 282 -22.60 19.19 0.28
C LEU B 282 -22.04 19.02 -1.15
N PRO B 283 -20.70 18.87 -1.30
CA PRO B 283 -20.06 18.70 -2.60
C PRO B 283 -20.31 17.36 -3.27
N PHE B 284 -20.24 16.26 -2.50
CA PHE B 284 -20.43 14.92 -3.07
C PHE B 284 -21.35 14.03 -2.24
N ASP B 285 -21.68 12.87 -2.79
N ASP B 285 -21.69 12.87 -2.80
CA ASP B 285 -22.52 11.91 -2.08
CA ASP B 285 -22.51 11.89 -2.09
C ASP B 285 -21.53 11.27 -1.12
C ASP B 285 -21.52 11.27 -1.12
N SER B 286 -21.75 11.44 0.18
CA SER B 286 -20.80 10.90 1.14
C SER B 286 -21.32 10.49 2.51
N ILE B 287 -20.41 9.91 3.29
N ILE B 287 -20.39 9.93 3.28
CA ILE B 287 -20.71 9.49 4.65
CA ILE B 287 -20.65 9.49 4.63
C ILE B 287 -19.64 10.10 5.56
C ILE B 287 -19.62 10.16 5.54
N PHE B 288 -20.05 10.56 6.73
CA PHE B 288 -19.15 11.20 7.67
C PHE B 288 -18.72 12.54 7.11
N ARG B 289 -19.71 13.30 6.64
CA ARG B 289 -19.52 14.65 6.11
C ARG B 289 -20.80 15.41 6.45
N PHE B 290 -20.63 16.60 7.02
CA PHE B 290 -21.76 17.45 7.43
C PHE B 290 -21.64 18.83 6.80
N SER B 291 -22.79 19.37 6.43
CA SER B 291 -22.87 20.64 5.74
C SER B 291 -22.27 21.86 6.39
N PHE B 292 -22.80 22.29 7.53
CA PHE B 292 -22.26 23.48 8.21
C PHE B 292 -21.42 23.15 9.43
N VAL B 293 -20.13 23.45 9.31
CA VAL B 293 -19.16 23.19 10.36
C VAL B 293 -18.23 24.39 10.54
N PRO B 294 -17.30 24.30 11.50
CA PRO B 294 -16.35 25.40 11.74
C PRO B 294 -15.55 25.83 10.50
N VAL B 295 -15.29 27.14 10.38
CA VAL B 295 -14.50 27.66 9.25
C VAL B 295 -13.17 28.24 9.72
N ILE B 296 -12.12 28.00 8.94
CA ILE B 296 -10.80 28.53 9.24
C ILE B 296 -10.93 30.01 8.79
N ASP B 297 -11.33 30.86 9.74
CA ASP B 297 -11.56 32.29 9.49
C ASP B 297 -10.41 33.27 9.72
N GLY B 298 -9.38 32.87 10.46
CA GLY B 298 -8.28 33.79 10.71
C GLY B 298 -8.61 34.63 11.93
N GLU B 299 -9.66 34.24 12.66
CA GLU B 299 -10.06 34.95 13.88
C GLU B 299 -10.18 33.96 15.02
N PHE B 300 -11.14 33.03 14.92
CA PHE B 300 -11.25 32.02 15.95
C PHE B 300 -9.98 31.19 15.79
N PHE B 301 -9.64 30.91 14.54
CA PHE B 301 -8.41 30.17 14.19
C PHE B 301 -7.49 31.14 13.44
N PRO B 302 -6.51 31.73 14.14
CA PRO B 302 -5.58 32.68 13.51
C PRO B 302 -5.09 32.25 12.13
N THR B 303 -4.64 30.99 12.02
CA THR B 303 -4.15 30.43 10.75
C THR B 303 -4.68 29.00 10.55
N SER B 304 -4.11 28.28 9.58
CA SER B 304 -4.52 26.90 9.29
C SER B 304 -4.21 26.00 10.48
N LEU B 305 -5.03 24.97 10.69
CA LEU B 305 -4.85 24.05 11.80
C LEU B 305 -3.48 23.37 11.78
N GLU B 306 -3.02 23.00 10.59
CA GLU B 306 -1.73 22.33 10.48
C GLU B 306 -0.59 23.30 10.78
N SER B 307 -0.74 24.55 10.34
CA SER B 307 0.31 25.52 10.57
C SER B 307 0.40 25.76 12.07
N MET B 308 -0.74 25.86 12.72
CA MET B 308 -0.77 26.06 14.15
C MET B 308 -0.15 24.85 14.86
N LEU B 309 -0.53 23.65 14.43
CA LEU B 309 0.03 22.43 15.02
C LEU B 309 1.57 22.38 14.89
N ASN B 310 2.10 22.69 13.71
CA ASN B 310 3.56 22.66 13.51
C ASN B 310 4.30 23.73 14.32
N SER B 311 3.70 24.91 14.45
CA SER B 311 4.34 25.99 15.18
C SER B 311 4.13 25.94 16.71
N GLY B 312 3.38 24.95 17.19
CA GLY B 312 3.14 24.90 18.62
C GLY B 312 2.28 26.09 19.04
N ASN B 313 1.56 26.67 18.09
CA ASN B 313 0.71 27.81 18.45
C ASN B 313 -0.60 27.30 19.04
N PHE B 314 -0.53 26.73 20.23
CA PHE B 314 -1.71 26.22 20.94
C PHE B 314 -1.48 26.18 22.44
N LYS B 315 -2.51 25.86 23.20
CA LYS B 315 -2.39 25.80 24.64
C LYS B 315 -1.56 24.59 25.00
N LYS B 316 -0.59 24.78 25.88
CA LYS B 316 0.27 23.68 26.30
C LYS B 316 -0.14 23.28 27.69
N THR B 317 -0.77 22.10 27.77
CA THR B 317 -1.26 21.56 29.03
C THR B 317 -1.22 20.05 28.84
N GLN B 318 -1.96 19.29 29.67
CA GLN B 318 -2.03 17.85 29.50
C GLN B 318 -3.29 17.54 28.71
N ILE B 319 -3.30 16.44 27.96
CA ILE B 319 -4.50 16.01 27.23
C ILE B 319 -4.64 14.49 27.34
N LEU B 320 -5.88 14.03 27.43
CA LEU B 320 -6.20 12.59 27.50
C LEU B 320 -7.12 12.40 26.28
N LEU B 321 -6.83 11.42 25.43
CA LEU B 321 -7.66 11.24 24.24
C LEU B 321 -7.65 9.84 23.68
N GLY B 322 -8.62 9.52 22.85
CA GLY B 322 -8.66 8.18 22.31
C GLY B 322 -9.69 7.91 21.25
N VAL B 323 -9.76 6.64 20.84
CA VAL B 323 -10.67 6.22 19.82
C VAL B 323 -11.27 4.86 20.15
N ASN B 324 -12.28 4.45 19.38
CA ASN B 324 -12.94 3.17 19.55
C ASN B 324 -12.50 2.25 18.44
N LYS B 325 -12.73 0.96 18.61
CA LYS B 325 -12.30 -0.03 17.62
C LYS B 325 -12.98 0.03 16.28
N ASP B 326 -14.27 0.31 16.24
CA ASP B 326 -14.96 0.34 14.97
C ASP B 326 -15.76 1.63 14.77
N GLU B 327 -15.03 2.74 14.71
CA GLU B 327 -15.59 4.06 14.55
C GLU B 327 -16.47 4.29 13.32
N GLY B 328 -16.25 3.52 12.25
CA GLY B 328 -17.02 3.75 11.05
C GLY B 328 -18.29 2.98 10.74
N SER B 329 -18.59 1.92 11.49
CA SER B 329 -19.76 1.10 11.20
C SER B 329 -21.10 1.84 11.27
N PHE B 330 -21.21 2.80 12.18
CA PHE B 330 -22.44 3.57 12.33
C PHE B 330 -22.77 4.31 11.04
N PHE B 331 -21.73 4.78 10.36
CA PHE B 331 -21.93 5.54 9.13
C PHE B 331 -22.17 4.68 7.90
N LEU B 332 -21.53 3.52 7.85
CA LEU B 332 -21.69 2.63 6.71
C LEU B 332 -23.12 2.03 6.72
N LEU B 333 -23.63 1.79 7.92
CA LEU B 333 -24.96 1.25 8.09
C LEU B 333 -25.98 2.21 7.47
N TYR B 334 -25.81 3.51 7.74
CA TYR B 334 -26.70 4.52 7.22
C TYR B 334 -26.60 4.87 5.72
N GLY B 335 -25.38 4.94 5.19
CA GLY B 335 -25.25 5.33 3.80
C GLY B 335 -24.61 4.45 2.74
N ALA B 336 -24.07 3.30 3.10
CA ALA B 336 -23.45 2.44 2.10
C ALA B 336 -24.34 1.24 1.73
N PRO B 337 -24.25 0.79 0.49
CA PRO B 337 -25.09 -0.35 0.11
C PRO B 337 -24.56 -1.61 0.71
N GLY B 338 -25.45 -2.57 1.00
CA GLY B 338 -25.02 -3.82 1.60
C GLY B 338 -25.06 -3.83 3.11
N PHE B 339 -25.11 -2.65 3.71
CA PHE B 339 -25.16 -2.54 5.16
C PHE B 339 -26.57 -2.41 5.73
N SER B 340 -26.92 -3.36 6.58
N SER B 340 -26.92 -3.36 6.58
CA SER B 340 -28.22 -3.42 7.23
CA SER B 340 -28.22 -3.41 7.24
C SER B 340 -27.98 -3.76 8.69
C SER B 340 -27.96 -3.73 8.70
N LYS B 341 -28.87 -3.32 9.58
CA LYS B 341 -28.68 -3.63 10.98
C LYS B 341 -29.34 -4.96 11.30
N ASP B 342 -29.99 -5.50 10.29
CA ASP B 342 -30.71 -6.76 10.41
C ASP B 342 -29.98 -7.95 9.79
N SER B 343 -28.73 -7.75 9.38
CA SER B 343 -27.96 -8.83 8.78
C SER B 343 -26.47 -8.70 9.07
N GLU B 344 -25.76 -9.78 8.79
CA GLU B 344 -24.32 -9.89 8.98
C GLU B 344 -23.58 -8.87 8.11
N SER B 345 -24.29 -8.33 7.12
CA SER B 345 -23.75 -7.32 6.23
C SER B 345 -22.46 -7.73 5.54
N LYS B 346 -22.39 -8.95 5.03
CA LYS B 346 -21.19 -9.41 4.32
C LYS B 346 -21.20 -8.62 3.04
N ILE B 347 -20.18 -7.78 2.83
CA ILE B 347 -20.12 -6.92 1.66
C ILE B 347 -19.41 -7.53 0.47
N SER B 348 -20.00 -7.37 -0.71
CA SER B 348 -19.41 -7.92 -1.94
C SER B 348 -18.39 -6.96 -2.50
N ARG B 349 -17.54 -7.45 -3.40
CA ARG B 349 -16.51 -6.61 -4.03
C ARG B 349 -17.18 -5.41 -4.69
N GLU B 350 -18.36 -5.62 -5.24
N GLU B 350 -18.37 -5.67 -5.21
CA GLU B 350 -19.07 -4.55 -5.90
CA GLU B 350 -19.20 -4.69 -5.89
C GLU B 350 -19.41 -3.42 -4.93
C GLU B 350 -19.47 -3.49 -4.98
N ASP B 351 -19.99 -3.77 -3.79
CA ASP B 351 -20.35 -2.74 -2.79
C ASP B 351 -19.14 -2.18 -2.04
N PHE B 352 -18.01 -2.88 -2.13
CA PHE B 352 -16.80 -2.42 -1.48
C PHE B 352 -16.37 -1.20 -2.27
N MET B 353 -16.38 -1.35 -3.59
CA MET B 353 -16.01 -0.24 -4.46
C MET B 353 -16.95 0.93 -4.20
N SER B 354 -18.25 0.65 -4.23
CA SER B 354 -19.24 1.71 -4.01
C SER B 354 -19.01 2.41 -2.68
N GLY B 355 -18.61 1.64 -1.67
CA GLY B 355 -18.35 2.20 -0.34
C GLY B 355 -17.10 3.06 -0.18
N VAL B 356 -15.99 2.69 -0.81
CA VAL B 356 -14.81 3.52 -0.65
C VAL B 356 -15.12 4.86 -1.29
N LYS B 357 -15.78 4.83 -2.44
CA LYS B 357 -16.13 6.05 -3.15
C LYS B 357 -16.89 6.97 -2.23
N LEU B 358 -17.79 6.40 -1.43
CA LEU B 358 -18.59 7.19 -0.49
C LEU B 358 -17.81 7.67 0.74
N SER B 359 -16.82 6.88 1.15
CA SER B 359 -15.99 7.16 2.32
C SER B 359 -14.88 8.18 2.12
N VAL B 360 -14.30 8.24 0.93
CA VAL B 360 -13.23 9.17 0.60
C VAL B 360 -13.72 10.00 -0.58
N PRO B 361 -14.86 10.69 -0.40
CA PRO B 361 -15.52 11.52 -1.41
C PRO B 361 -14.65 12.47 -2.22
N HIS B 362 -13.59 12.96 -1.62
CA HIS B 362 -12.72 13.88 -2.31
C HIS B 362 -11.44 13.24 -2.85
N ALA B 363 -11.55 12.08 -3.48
CA ALA B 363 -10.34 11.43 -4.01
C ALA B 363 -10.45 11.02 -5.46
N ASN B 364 -9.46 11.38 -6.25
CA ASN B 364 -9.47 10.99 -7.65
C ASN B 364 -9.34 9.48 -7.72
N ASP B 365 -9.49 8.93 -8.93
CA ASP B 365 -9.41 7.49 -9.14
C ASP B 365 -8.08 6.88 -8.68
N LEU B 366 -7.01 7.64 -8.80
CA LEU B 366 -5.73 7.14 -8.36
C LEU B 366 -5.82 6.99 -6.81
N GLY B 367 -6.48 7.95 -6.17
CA GLY B 367 -6.65 7.90 -4.73
C GLY B 367 -7.44 6.67 -4.37
N LEU B 368 -8.63 6.57 -4.96
CA LEU B 368 -9.51 5.44 -4.72
C LEU B 368 -8.79 4.10 -4.87
N ASP B 369 -7.93 3.97 -5.88
CA ASP B 369 -7.20 2.72 -6.09
C ASP B 369 -6.21 2.44 -4.96
N ALA B 370 -5.61 3.50 -4.43
CA ALA B 370 -4.65 3.39 -3.35
C ALA B 370 -5.37 2.88 -2.09
N VAL B 371 -6.48 3.54 -1.75
CA VAL B 371 -7.24 3.14 -0.58
C VAL B 371 -7.64 1.68 -0.77
N THR B 372 -8.13 1.36 -1.95
CA THR B 372 -8.55 0.00 -2.26
C THR B 372 -7.41 -1.01 -2.07
N LEU B 373 -6.31 -0.80 -2.78
CA LEU B 373 -5.16 -1.69 -2.68
C LEU B 373 -4.72 -1.86 -1.22
N GLN B 374 -4.85 -0.78 -0.47
CA GLN B 374 -4.41 -0.75 0.92
C GLN B 374 -5.27 -1.56 1.89
N TYR B 375 -6.54 -1.76 1.56
CA TYR B 375 -7.44 -2.49 2.45
C TYR B 375 -8.01 -3.81 1.91
N THR B 376 -7.56 -4.22 0.72
CA THR B 376 -8.03 -5.43 0.08
C THR B 376 -7.06 -6.60 0.17
N ASP B 377 -7.60 -7.79 0.42
CA ASP B 377 -6.78 -8.99 0.46
C ASP B 377 -6.97 -9.64 -0.89
N TRP B 378 -6.11 -9.34 -1.85
CA TRP B 378 -6.29 -9.91 -3.18
C TRP B 378 -6.16 -11.43 -3.31
N MET B 379 -6.00 -12.12 -2.19
CA MET B 379 -5.93 -13.58 -2.20
C MET B 379 -7.33 -14.13 -1.89
N ASP B 380 -8.17 -13.25 -1.35
CA ASP B 380 -9.52 -13.62 -0.93
C ASP B 380 -10.46 -12.41 -1.00
N ASP B 381 -10.39 -11.68 -2.12
CA ASP B 381 -11.17 -10.47 -2.34
C ASP B 381 -12.68 -10.63 -2.53
N ASN B 382 -13.18 -11.85 -2.42
CA ASN B 382 -14.60 -12.08 -2.56
C ASN B 382 -15.19 -12.43 -1.19
N ASN B 383 -14.34 -12.32 -0.17
CA ASN B 383 -14.73 -12.59 1.20
C ASN B 383 -15.58 -11.44 1.76
N GLY B 384 -16.87 -11.69 1.97
CA GLY B 384 -17.76 -10.67 2.49
C GLY B 384 -17.41 -10.11 3.86
N ILE B 385 -16.91 -10.95 4.77
CA ILE B 385 -16.54 -10.49 6.09
C ILE B 385 -15.36 -9.50 5.97
N LYS B 386 -14.31 -9.89 5.25
CA LYS B 386 -13.14 -9.02 5.07
C LYS B 386 -13.50 -7.72 4.34
N ASN B 387 -14.39 -7.79 3.37
CA ASN B 387 -14.77 -6.58 2.65
C ASN B 387 -15.48 -5.64 3.59
N ARG B 388 -16.33 -6.19 4.46
CA ARG B 388 -17.11 -5.38 5.40
C ARG B 388 -16.19 -4.70 6.38
N ASP B 389 -15.36 -5.50 7.03
CA ASP B 389 -14.42 -5.00 8.02
C ASP B 389 -13.39 -4.09 7.39
N GLY B 390 -13.10 -4.32 6.12
CA GLY B 390 -12.11 -3.51 5.43
C GLY B 390 -12.64 -2.12 5.27
N LEU B 391 -13.89 -2.03 4.86
CA LEU B 391 -14.55 -0.75 4.62
C LEU B 391 -14.81 -0.05 5.97
N ASP B 392 -15.11 -0.83 6.99
CA ASP B 392 -15.34 -0.25 8.30
C ASP B 392 -14.05 0.46 8.71
N ASP B 393 -12.94 -0.26 8.72
CA ASP B 393 -11.67 0.35 9.07
C ASP B 393 -11.40 1.60 8.24
N ILE B 394 -11.68 1.55 6.94
CA ILE B 394 -11.46 2.72 6.09
C ILE B 394 -12.18 3.94 6.63
N VAL B 395 -13.47 3.83 6.94
CA VAL B 395 -14.21 4.98 7.47
C VAL B 395 -13.72 5.43 8.85
N GLY B 396 -13.27 4.47 9.66
CA GLY B 396 -12.79 4.82 10.99
C GLY B 396 -11.40 5.38 10.97
N ASP B 397 -10.52 4.81 10.14
CA ASP B 397 -9.16 5.30 10.06
C ASP B 397 -9.13 6.70 9.45
N HIS B 398 -9.74 6.86 8.29
CA HIS B 398 -9.77 8.15 7.62
C HIS B 398 -10.44 9.29 8.41
N ASN B 399 -11.59 9.04 9.04
CA ASN B 399 -12.32 10.09 9.78
C ASN B 399 -12.03 10.29 11.27
N VAL B 400 -11.52 9.28 11.95
CA VAL B 400 -11.25 9.46 13.37
C VAL B 400 -9.82 9.12 13.79
N ILE B 401 -9.50 7.83 13.78
CA ILE B 401 -8.18 7.41 14.22
C ILE B 401 -6.92 8.11 13.67
N CYS B 402 -6.70 8.12 12.36
CA CYS B 402 -5.50 8.78 11.88
C CYS B 402 -5.46 10.29 12.13
N PRO B 403 -6.60 11.00 11.99
CA PRO B 403 -6.59 12.44 12.26
C PRO B 403 -6.22 12.70 13.73
N LEU B 404 -6.74 11.84 14.60
CA LEU B 404 -6.45 11.97 16.01
C LEU B 404 -4.99 11.65 16.26
N MET B 405 -4.45 10.62 15.59
CA MET B 405 -3.06 10.23 15.73
C MET B 405 -2.11 11.30 15.21
N HIS B 406 -2.53 12.04 14.20
CA HIS B 406 -1.70 13.11 13.67
C HIS B 406 -1.67 14.23 14.69
N PHE B 407 -2.82 14.51 15.28
CA PHE B 407 -2.93 15.56 16.29
C PHE B 407 -2.14 15.17 17.54
N VAL B 408 -2.23 13.91 17.97
CA VAL B 408 -1.54 13.51 19.18
C VAL B 408 -0.03 13.59 18.99
N ASN B 409 0.44 13.27 17.79
CA ASN B 409 1.88 13.33 17.55
C ASN B 409 2.37 14.77 17.43
N LYS B 410 1.53 15.67 16.92
CA LYS B 410 1.94 17.06 16.80
C LYS B 410 1.95 17.71 18.17
N TYR B 411 0.84 17.57 18.87
CA TYR B 411 0.66 18.15 20.19
C TYR B 411 1.74 17.71 21.18
N THR B 412 2.04 16.42 21.23
CA THR B 412 3.02 15.91 22.17
C THR B 412 4.38 16.59 22.05
N LYS B 413 4.69 17.06 20.85
CA LYS B 413 5.94 17.77 20.64
C LYS B 413 6.00 18.99 21.55
N PHE B 414 4.87 19.65 21.75
CA PHE B 414 4.86 20.85 22.58
C PHE B 414 4.11 20.73 23.90
N GLY B 415 3.32 19.69 24.05
CA GLY B 415 2.51 19.53 25.25
C GLY B 415 3.20 19.23 26.55
N ASN B 416 2.41 19.16 27.61
CA ASN B 416 2.94 18.89 28.93
C ASN B 416 2.46 17.54 29.49
N GLY B 417 1.97 16.68 28.61
CA GLY B 417 1.50 15.37 29.04
C GLY B 417 0.37 14.84 28.19
N THR B 418 0.57 13.70 27.57
CA THR B 418 -0.48 13.12 26.72
C THR B 418 -0.75 11.66 27.02
N TYR B 419 -2.02 11.34 27.26
CA TYR B 419 -2.42 9.97 27.53
C TYR B 419 -3.37 9.49 26.42
N LEU B 420 -3.03 8.34 25.83
CA LEU B 420 -3.79 7.77 24.71
C LEU B 420 -4.46 6.44 25.02
N TYR B 421 -5.73 6.34 24.65
CA TYR B 421 -6.52 5.13 24.89
C TYR B 421 -7.19 4.58 23.64
N PHE B 422 -7.51 3.29 23.72
CA PHE B 422 -8.14 2.56 22.61
C PHE B 422 -9.30 1.74 23.18
N PHE B 423 -10.51 2.26 23.09
CA PHE B 423 -11.69 1.58 23.60
C PHE B 423 -12.13 0.45 22.66
N ASN B 424 -11.96 -0.79 23.10
CA ASN B 424 -12.34 -1.95 22.31
C ASN B 424 -13.27 -2.92 23.02
N HIS B 425 -14.13 -2.40 23.89
CA HIS B 425 -15.08 -3.25 24.58
C HIS B 425 -16.46 -3.13 23.93
N ARG B 426 -17.04 -4.29 23.63
CA ARG B 426 -18.37 -4.41 23.04
C ARG B 426 -19.33 -4.71 24.19
N ALA B 427 -20.17 -3.74 24.53
CA ALA B 427 -21.13 -3.87 25.63
C ALA B 427 -22.03 -5.09 25.48
N SER B 428 -22.20 -5.83 26.58
CA SER B 428 -23.03 -7.03 26.63
C SER B 428 -24.51 -6.81 26.30
N ASN B 429 -25.01 -5.59 26.52
CA ASN B 429 -26.40 -5.27 26.24
C ASN B 429 -26.57 -4.39 25.00
N LEU B 430 -25.59 -4.36 24.12
CA LEU B 430 -25.69 -3.52 22.93
C LEU B 430 -26.92 -3.92 22.11
N VAL B 431 -27.59 -2.93 21.53
CA VAL B 431 -28.77 -3.18 20.73
C VAL B 431 -28.43 -3.23 19.25
N TRP B 432 -27.24 -2.79 18.88
CA TRP B 432 -26.83 -2.80 17.48
C TRP B 432 -26.21 -4.16 17.14
N PRO B 433 -26.35 -4.61 15.88
CA PRO B 433 -25.80 -5.90 15.46
C PRO B 433 -24.30 -6.06 15.72
N GLU B 434 -23.89 -7.31 15.89
CA GLU B 434 -22.52 -7.67 16.18
C GLU B 434 -21.46 -7.19 15.19
N TRP B 435 -21.77 -7.15 13.91
CA TRP B 435 -20.80 -6.71 12.92
C TRP B 435 -20.32 -5.26 13.11
N MET B 436 -21.14 -4.44 13.76
CA MET B 436 -20.80 -3.03 13.94
C MET B 436 -19.71 -2.85 14.97
N GLY B 437 -19.48 -3.89 15.78
CA GLY B 437 -18.42 -3.82 16.77
C GLY B 437 -18.53 -2.75 17.83
N VAL B 438 -17.40 -2.16 18.22
CA VAL B 438 -17.41 -1.12 19.27
C VAL B 438 -17.69 0.21 18.57
N ILE B 439 -18.96 0.51 18.44
CA ILE B 439 -19.52 1.66 17.76
C ILE B 439 -19.14 3.08 18.18
N HIS B 440 -19.17 3.99 17.22
CA HIS B 440 -18.86 5.39 17.45
C HIS B 440 -19.83 5.90 18.51
N GLY B 441 -19.29 6.40 19.61
CA GLY B 441 -20.13 6.93 20.68
C GLY B 441 -20.41 6.01 21.85
N TYR B 442 -20.02 4.74 21.73
CA TYR B 442 -20.31 3.80 22.80
C TYR B 442 -19.38 3.63 24.00
N GLU B 443 -18.39 4.50 24.13
CA GLU B 443 -17.53 4.47 25.32
C GLU B 443 -18.20 5.50 26.26
N ILE B 444 -19.03 6.36 25.68
CA ILE B 444 -19.70 7.39 26.44
C ILE B 444 -20.47 6.84 27.64
N GLU B 445 -21.40 5.92 27.43
CA GLU B 445 -22.13 5.37 28.56
C GLU B 445 -21.21 4.88 29.68
N PHE B 446 -19.98 4.52 29.33
CA PHE B 446 -19.04 4.05 30.34
C PHE B 446 -18.33 5.23 30.99
N VAL B 447 -18.12 6.29 30.22
CA VAL B 447 -17.45 7.49 30.76
C VAL B 447 -18.39 8.14 31.78
N PHE B 448 -19.70 8.04 31.52
CA PHE B 448 -20.75 8.60 32.38
C PHE B 448 -21.30 7.64 33.47
N GLY B 449 -20.82 6.40 33.50
CA GLY B 449 -21.21 5.47 34.54
C GLY B 449 -22.56 4.78 34.54
N LEU B 450 -23.18 4.65 33.36
CA LEU B 450 -24.47 4.00 33.26
C LEU B 450 -24.37 2.54 33.66
N PRO B 451 -23.16 1.96 33.64
CA PRO B 451 -23.15 0.56 34.05
C PRO B 451 -23.33 0.42 35.54
N LEU B 452 -23.18 1.52 36.28
CA LEU B 452 -23.36 1.47 37.73
C LEU B 452 -24.82 1.30 38.15
N VAL B 453 -25.76 1.53 37.23
CA VAL B 453 -27.18 1.36 37.55
C VAL B 453 -27.63 -0.04 37.14
N LYS B 454 -27.82 -0.88 38.14
CA LYS B 454 -28.21 -2.27 37.94
C LYS B 454 -29.27 -2.54 36.89
N GLU B 455 -30.41 -1.85 36.97
CA GLU B 455 -31.49 -2.09 36.01
C GLU B 455 -31.13 -1.87 34.54
N LEU B 456 -29.86 -1.65 34.23
CA LEU B 456 -29.46 -1.48 32.84
C LEU B 456 -28.78 -2.75 32.30
N ASN B 457 -28.59 -3.73 33.18
CA ASN B 457 -28.03 -5.03 32.82
C ASN B 457 -26.60 -5.18 32.32
N TYR B 458 -25.67 -4.35 32.79
CA TYR B 458 -24.29 -4.54 32.34
C TYR B 458 -23.75 -5.64 33.23
N THR B 459 -22.70 -6.31 32.80
CA THR B 459 -22.11 -7.35 33.62
C THR B 459 -21.35 -6.69 34.77
N ALA B 460 -20.88 -7.48 35.72
CA ALA B 460 -20.15 -6.94 36.87
C ALA B 460 -18.82 -6.39 36.43
N GLU B 461 -18.26 -7.00 35.39
CA GLU B 461 -16.96 -6.57 34.85
C GLU B 461 -17.11 -5.27 34.08
N GLU B 462 -18.34 -4.99 33.64
CA GLU B 462 -18.61 -3.76 32.92
C GLU B 462 -18.80 -2.65 33.92
N GLU B 463 -19.27 -3.00 35.13
CA GLU B 463 -19.42 -1.98 36.14
C GLU B 463 -18.00 -1.57 36.52
N ALA B 464 -17.14 -2.56 36.74
CA ALA B 464 -15.77 -2.29 37.10
C ALA B 464 -15.04 -1.47 36.01
N LEU B 465 -15.25 -1.80 34.73
CA LEU B 465 -14.62 -1.05 33.65
C LEU B 465 -15.01 0.42 33.69
N SER B 466 -16.30 0.67 33.89
CA SER B 466 -16.83 2.03 33.93
C SER B 466 -16.27 2.80 35.10
N ARG B 467 -16.17 2.13 36.25
CA ARG B 467 -15.65 2.76 37.44
C ARG B 467 -14.21 3.16 37.24
N ARG B 468 -13.39 2.34 36.60
CA ARG B 468 -12.03 2.80 36.45
C ARG B 468 -11.90 3.77 35.30
N ILE B 469 -12.85 3.77 34.38
CA ILE B 469 -12.77 4.74 33.29
C ILE B 469 -13.14 6.11 33.87
N MET B 470 -14.14 6.12 34.73
CA MET B 470 -14.54 7.38 35.35
C MET B 470 -13.42 7.85 36.27
N HIS B 471 -12.75 6.92 36.94
CA HIS B 471 -11.69 7.34 37.84
C HIS B 471 -10.51 7.93 37.07
N TYR B 472 -10.17 7.32 35.94
CA TYR B 472 -9.08 7.84 35.13
C TYR B 472 -9.43 9.26 34.71
N TRP B 473 -10.63 9.45 34.19
CA TRP B 473 -11.11 10.75 33.71
C TRP B 473 -11.06 11.84 34.79
N ALA B 474 -11.65 11.53 35.94
CA ALA B 474 -11.71 12.49 37.04
C ALA B 474 -10.34 12.79 37.65
N THR B 475 -9.50 11.76 37.75
CA THR B 475 -8.16 11.92 38.31
C THR B 475 -7.29 12.71 37.35
N PHE B 476 -7.53 12.53 36.06
CA PHE B 476 -6.78 13.27 35.03
C PHE B 476 -7.17 14.74 35.17
N ALA B 477 -8.49 14.97 35.19
CA ALA B 477 -9.06 16.31 35.32
C ALA B 477 -8.54 16.99 36.58
N LYS B 478 -8.44 16.24 37.68
CA LYS B 478 -7.95 16.76 38.95
C LYS B 478 -6.46 17.09 38.95
N THR B 479 -5.64 16.10 38.55
CA THR B 479 -4.18 16.18 38.57
C THR B 479 -3.43 16.29 37.26
N GLY B 480 -4.02 15.89 36.15
CA GLY B 480 -3.30 15.97 34.88
C GLY B 480 -2.64 14.66 34.50
N ASN B 481 -2.82 13.65 35.36
CA ASN B 481 -2.26 12.31 35.15
C ASN B 481 -3.39 11.40 35.59
N PRO B 482 -3.86 10.51 34.71
CA PRO B 482 -4.96 9.60 35.07
C PRO B 482 -4.65 8.59 36.16
N ASN B 483 -3.35 8.36 36.38
CA ASN B 483 -2.91 7.40 37.39
C ASN B 483 -2.91 7.99 38.77
N GLU B 484 -3.39 7.20 39.72
CA GLU B 484 -3.41 7.63 41.11
C GLU B 484 -2.04 7.38 41.71
N PRO B 485 -1.48 8.40 42.38
CA PRO B 485 -0.14 8.24 42.99
C PRO B 485 -0.04 7.00 43.87
N HIS B 486 1.09 6.32 43.78
CA HIS B 486 1.34 5.11 44.58
C HIS B 486 0.11 4.23 44.73
N SER B 487 -0.28 3.61 43.62
CA SER B 487 -1.41 2.71 43.59
C SER B 487 -0.83 1.32 43.26
N GLN B 488 -1.62 0.28 43.51
CA GLN B 488 -1.18 -1.07 43.24
C GLN B 488 -1.68 -1.49 41.86
N GLU B 489 -2.45 -0.59 41.24
CA GLU B 489 -3.02 -0.84 39.92
C GLU B 489 -1.99 -0.69 38.81
N SER B 490 -2.40 -1.06 37.60
CA SER B 490 -1.53 -0.95 36.45
C SER B 490 -1.45 0.50 36.00
N LYS B 491 -0.26 0.91 35.57
CA LYS B 491 -0.02 2.27 35.12
C LYS B 491 -0.36 2.54 33.67
N TRP B 492 -1.01 3.65 33.43
CA TRP B 492 -1.33 4.10 32.09
C TRP B 492 -0.15 5.04 31.83
N PRO B 493 0.81 4.62 31.01
CA PRO B 493 1.98 5.45 30.71
C PRO B 493 1.78 6.67 29.79
N LEU B 494 2.64 7.66 29.99
CA LEU B 494 2.60 8.85 29.15
C LEU B 494 2.80 8.40 27.73
N PHE B 495 2.20 9.13 26.79
CA PHE B 495 2.40 8.84 25.39
C PHE B 495 3.55 9.77 25.05
N THR B 496 4.63 9.26 24.45
CA THR B 496 5.75 10.12 24.09
C THR B 496 5.96 9.96 22.61
N THR B 497 6.59 10.94 21.98
CA THR B 497 6.82 10.89 20.54
C THR B 497 7.77 9.75 20.17
N LYS B 498 8.57 9.33 21.14
CA LYS B 498 9.54 8.27 20.94
C LYS B 498 8.96 6.87 21.10
N GLU B 499 8.36 6.59 22.26
CA GLU B 499 7.79 5.28 22.54
C GLU B 499 6.34 5.09 22.04
N GLN B 500 5.58 6.20 22.00
CA GLN B 500 4.22 6.18 21.51
C GLN B 500 3.31 5.16 22.15
N LYS B 501 3.41 5.04 23.47
CA LYS B 501 2.59 4.10 24.20
C LYS B 501 1.13 4.56 24.44
N PHE B 502 0.24 3.57 24.51
CA PHE B 502 -1.17 3.80 24.77
C PHE B 502 -1.70 2.53 25.42
N ILE B 503 -2.94 2.53 25.88
CA ILE B 503 -3.47 1.35 26.54
C ILE B 503 -4.81 0.95 25.96
N ASP B 504 -5.26 -0.24 26.32
CA ASP B 504 -6.56 -0.74 25.90
C ASP B 504 -7.50 -0.43 27.01
N LEU B 505 -8.72 -0.04 26.67
CA LEU B 505 -9.73 0.25 27.66
C LEU B 505 -10.80 -0.79 27.43
N ASN B 506 -10.80 -1.84 28.24
CA ASN B 506 -11.79 -2.90 28.15
C ASN B 506 -11.78 -3.74 29.43
N THR B 507 -12.54 -4.82 29.42
CA THR B 507 -12.64 -5.69 30.59
C THR B 507 -11.37 -6.48 30.97
N GLU B 508 -10.58 -6.89 29.99
CA GLU B 508 -9.34 -7.64 30.20
C GLU B 508 -8.39 -6.82 31.06
N PRO B 509 -7.44 -7.47 31.74
CA PRO B 509 -6.53 -6.67 32.56
C PRO B 509 -5.73 -5.72 31.62
N MET B 510 -5.65 -4.44 31.97
CA MET B 510 -4.93 -3.45 31.16
C MET B 510 -3.65 -4.00 30.53
N LYS B 511 -3.37 -3.55 29.31
CA LYS B 511 -2.21 -3.95 28.52
C LYS B 511 -1.69 -2.69 27.85
N VAL B 512 -0.37 -2.58 27.67
CA VAL B 512 0.18 -1.41 27.01
C VAL B 512 0.63 -1.74 25.60
N HIS B 513 0.28 -0.88 24.67
CA HIS B 513 0.64 -1.08 23.27
C HIS B 513 1.43 0.11 22.79
N GLN B 514 1.92 0.02 21.56
CA GLN B 514 2.68 1.11 20.99
C GLN B 514 2.25 1.33 19.55
N ARG B 515 2.48 2.54 19.05
N ARG B 515 2.48 2.54 19.04
CA ARG B 515 2.16 2.89 17.66
CA ARG B 515 2.17 2.88 17.65
C ARG B 515 0.78 2.49 17.15
C ARG B 515 0.78 2.49 17.15
N LEU B 516 -0.24 3.06 17.75
CA LEU B 516 -1.63 2.79 17.40
C LEU B 516 -1.96 2.94 15.90
N ARG B 517 -2.23 1.80 15.25
CA ARG B 517 -2.55 1.73 13.83
C ARG B 517 -1.63 2.54 12.95
N VAL B 518 -0.32 2.47 13.23
CA VAL B 518 0.66 3.21 12.44
C VAL B 518 0.61 2.96 10.95
N GLN B 519 0.71 1.68 10.58
CA GLN B 519 0.72 1.28 9.18
C GLN B 519 -0.32 2.04 8.38
N MET B 520 -1.58 1.89 8.76
CA MET B 520 -2.66 2.53 8.03
C MET B 520 -2.62 4.04 8.12
N CYS B 521 -2.21 4.55 9.28
CA CYS B 521 -2.13 5.99 9.46
C CYS B 521 -0.96 6.67 8.76
N VAL B 522 0.03 5.91 8.32
CA VAL B 522 1.13 6.51 7.56
C VAL B 522 0.50 6.74 6.19
N PHE B 523 -0.30 5.76 5.78
CA PHE B 523 -1.02 5.82 4.52
C PHE B 523 -1.90 7.07 4.45
N TRP B 524 -2.81 7.19 5.41
CA TRP B 524 -3.76 8.30 5.45
C TRP B 524 -3.12 9.64 5.76
N ASN B 525 -2.23 9.66 6.74
CA ASN B 525 -1.59 10.91 7.15
C ASN B 525 -0.38 11.33 6.32
N GLN B 526 0.23 10.38 5.63
CA GLN B 526 1.40 10.74 4.85
C GLN B 526 1.30 10.54 3.34
N PHE B 527 1.14 9.29 2.92
CA PHE B 527 1.08 8.98 1.50
C PHE B 527 -0.09 9.58 0.70
N LEU B 528 -1.33 9.18 1.00
CA LEU B 528 -2.49 9.67 0.25
C LEU B 528 -2.55 11.19 0.10
N PRO B 529 -2.30 11.93 1.20
CA PRO B 529 -2.35 13.39 1.06
C PRO B 529 -1.35 13.85 -0.01
N LYS B 530 -0.15 13.25 0.04
CA LYS B 530 0.90 13.57 -0.89
C LYS B 530 0.49 13.12 -2.31
N LEU B 531 -0.18 11.98 -2.41
CA LEU B 531 -0.59 11.48 -3.70
C LEU B 531 -1.68 12.37 -4.30
N LEU B 532 -2.58 12.86 -3.46
CA LEU B 532 -3.66 13.72 -3.93
C LEU B 532 -3.15 15.13 -4.20
N ASN B 533 -2.07 15.51 -3.52
CA ASN B 533 -1.45 16.84 -3.67
C ASN B 533 -0.75 16.92 -5.02
N ALA B 534 0.00 15.88 -5.36
CA ALA B 534 0.69 15.82 -6.65
C ALA B 534 -0.41 15.76 -7.67
N THR B 535 -1.61 15.48 -7.16
CA THR B 535 -2.86 15.35 -7.92
C THR B 535 -2.91 14.00 -8.67
N ALA B 536 -2.76 12.95 -8.00
AS CFQ C . 28.97 -0.98 -12.63
C1 CFQ C . 30.19 0.74 -13.38
C2 CFQ C . 29.73 -2.88 -13.56
C3 CFQ C . 29.18 -1.16 -10.42
C4 CFQ C . 26.81 -0.61 -13.15
C5 CFQ C . 25.86 -1.76 -12.73
O1 CFQ C . 26.37 -2.46 -11.57
C6 CFQ C . 25.46 -3.39 -10.94
C14 CFQ C . 25.66 -3.35 -9.40
C7 CFQ C . 25.66 -4.76 -11.69
C8 CFQ C . 24.55 -5.53 -12.24
C9 CFQ C . 24.83 -6.74 -12.91
C10 CFQ C . 26.13 -7.21 -13.05
C11 CFQ C . 27.19 -6.50 -12.52
C12 CFQ C . 26.96 -5.29 -11.84
N2 CFQ C . 23.08 -5.14 -12.18
O2 CFQ C . 22.22 -5.84 -12.69
O3 CFQ C . 22.70 -4.12 -11.64
F1 CFQ C . 24.91 -4.25 -8.77
F2 CFQ C . 26.91 -3.58 -9.04
F3 CFQ C . 25.31 -2.17 -8.89
AS CFQ D . 22.70 -15.50 -14.13
C1 CFQ D . 21.19 -14.12 -15.04
C2 CFQ D . 21.90 -17.58 -14.28
C3 CFQ D . 24.58 -15.32 -15.34
C4 CFQ D . 23.09 -14.96 -12.04
C5 CFQ D . 22.64 -13.50 -11.83
O1 CFQ D . 23.20 -12.66 -12.86
C6 CFQ D . 22.87 -11.25 -12.83
C14 CFQ D . 22.82 -10.66 -14.27
C7 CFQ D . 23.89 -10.56 -11.84
C8 CFQ D . 25.34 -10.73 -11.88
C9 CFQ D . 26.12 -10.03 -10.92
C10 CFQ D . 25.50 -9.20 -9.96
C11 CFQ D . 24.11 -9.06 -9.91
C12 CFQ D . 23.32 -9.71 -10.82
N2 CFQ D . 26.15 -11.59 -12.86
O2 CFQ D . 27.37 -11.65 -12.80
O3 CFQ D . 25.62 -12.26 -13.75
F1 CFQ D . 23.20 -9.38 -14.29
F2 CFQ D . 23.60 -11.29 -15.14
F3 CFQ D . 21.57 -10.70 -14.75
C1 NAG E . 39.93 -31.39 -33.26
C2 NAG E . 41.26 -32.02 -33.69
C3 NAG E . 42.14 -32.36 -32.47
C4 NAG E . 42.25 -31.15 -31.52
C5 NAG E . 40.84 -30.62 -31.17
C6 NAG E . 40.83 -29.42 -30.22
C7 NAG E . 41.08 -33.19 -35.78
C8 NAG E . 41.70 -34.39 -36.47
N2 NAG E . 40.98 -33.22 -34.46
O3 NAG E . 43.43 -32.74 -32.91
O4 NAG E . 42.94 -31.53 -30.33
O5 NAG E . 40.14 -30.25 -32.39
O6 NAG E . 41.04 -28.19 -30.91
O7 NAG E . 40.70 -32.23 -36.46
C1 NAG F . -5.55 -26.32 -27.33
C2 NAG F . -6.64 -26.47 -26.25
C3 NAG F . -7.55 -27.63 -26.58
C4 NAG F . -8.12 -27.52 -28.00
C5 NAG F . -6.98 -27.31 -29.00
C6 NAG F . -7.44 -27.07 -30.44
C7 NAG F . -6.07 -25.79 -24.00
C8 NAG F . -5.86 -26.29 -22.57
N2 NAG F . -6.01 -26.70 -24.97
O3 NAG F . -8.61 -27.69 -25.65
O4 NAG F . -8.84 -28.71 -28.32
O5 NAG F . -6.17 -26.16 -28.62
O6 NAG F . -8.36 -26.00 -30.55
O7 NAG F . -6.28 -24.59 -24.21
AS CFQ G . -28.95 12.45 3.78
C1 CFQ G . -30.24 13.84 2.60
C2 CFQ G . -29.66 12.50 5.89
C3 CFQ G . -29.18 10.36 2.97
C4 CFQ G . -26.83 13.12 3.64
C5 CFQ G . -25.94 12.44 4.69
O1 CFQ G . -26.35 11.07 4.90
C6 CFQ G . -25.51 10.24 5.73
C14 CFQ G . -25.60 8.79 5.23
C7 CFQ G . -25.93 10.57 7.21
C8 CFQ G . -24.96 10.90 8.22
C9 CFQ G . -25.43 11.19 9.55
C10 CFQ G . -26.81 11.17 9.85
C11 CFQ G . -27.75 10.84 8.86
C12 CFQ G . -27.31 10.54 7.56
N2 CFQ G . -23.48 10.97 8.03
O2 CFQ G . -22.71 11.26 8.93
O3 CFQ G . -22.95 10.76 6.97
F1 CFQ G . -24.82 7.97 5.94
F2 CFQ G . -26.83 8.32 5.32
F3 CFQ G . -25.23 8.69 3.95
AS CFQ H . -22.92 10.22 18.12
C1 CFQ H . -21.48 11.65 17.16
C2 CFQ H . -22.29 9.95 20.25
C3 CFQ H . -24.96 11.15 18.08
C4 CFQ H . -22.90 8.28 17.07
C5 CFQ H . -23.73 8.38 15.79
O1 CFQ H . -23.78 9.75 15.29
C6 CFQ H . -23.24 10.02 13.97
C14 CFQ H . -23.14 11.55 13.71
C7 CFQ H . -24.08 9.19 12.92
C8 CFQ H . -25.55 9.15 12.82
C9 CFQ H . -26.13 8.34 11.80
C10 CFQ H . -25.33 7.60 10.93
C11 CFQ H . -23.95 7.63 11.03
C12 CFQ H . -23.33 8.40 12.00
N2 CFQ H . -26.56 9.90 13.69
O2 CFQ H . -27.77 9.81 13.50
O3 CFQ H . -26.23 10.64 14.60
F1 CFQ H . -23.87 12.29 14.53
F2 CFQ H . -21.89 12.02 13.84
F3 CFQ H . -23.52 11.87 12.48
C1 NAG I . -39.91 24.38 38.14
C2 NAG I . -40.73 24.18 39.41
C3 NAG I . -40.98 22.69 39.61
C4 NAG I . -41.72 22.14 38.40
C5 NAG I . -40.97 22.48 37.10
C6 NAG I . -41.76 22.08 35.85
C7 NAG I . -40.79 25.75 41.21
C8 NAG I . -41.51 25.34 42.49
N2 NAG I . -40.11 24.80 40.56
O3 NAG I . -41.78 22.49 40.78
O4 NAG I . -41.88 20.73 38.52
O5 NAG I . -40.68 23.91 37.01
O6 NAG I . -42.79 23.01 35.55
O7 NAG I . -40.89 26.90 40.78
C1 NAG J . 5.26 19.76 32.53
C2 NAG J . 6.37 18.72 32.26
C3 NAG J . 7.37 18.62 33.42
C4 NAG J . 7.84 20.01 33.89
C5 NAG J . 6.64 20.92 34.13
C6 NAG J . 7.06 22.35 34.51
C7 NAG J . 5.80 16.87 30.82
C8 NAG J . 5.65 15.36 30.73
N2 NAG J . 5.78 17.42 32.03
O3 NAG J . 8.49 17.88 32.95
O4 NAG J . 8.61 19.88 35.08
O5 NAG J . 5.84 21.01 32.92
O6 NAG J . 7.21 23.18 33.36
O7 NAG J . 5.93 17.54 29.79
#